data_8SLJ
#
_entry.id   8SLJ
#
_cell.length_a   179.606
_cell.length_b   111.829
_cell.length_c   75.930
_cell.angle_alpha   90.00
_cell.angle_beta   111.41
_cell.angle_gamma   90.00
#
_symmetry.space_group_name_H-M   'C 1 2 1'
#
loop_
_entity.id
_entity.type
_entity.pdbx_description
1 polymer 'Alpha/beta hydrolase'
2 water water
#
_entity_poly.entity_id   1
_entity_poly.type   'polypeptide(L)'
_entity_poly.pdbx_seq_one_letter_code
;SMSRITIERDGLTLVGDREEPFGEIYDMAIIMHGFTANRNTDLLRQIADDLRDENVASVRFDFNGHGESDGKFEDMTVCN
EIADGKAILDYVHTDPHVRDIFLVGHSQGGVVASMLAGLYPDVVKKVVLLAPAAQLKDDALRGNTQGATYDPNHIPDVVP
LVGNALGMKVGGFYLRTAQVLPIYEVSQRFTRPVSVIAGTNDQVVDPKYAKKYDEVYENSELHMIPNADHRFSGGYKDMA
ADLTAQFLKPAF
;
_entity_poly.pdbx_strand_id   A,B,C
#
# COMPACT_ATOMS: atom_id res chain seq x y z
N SER A 1 16.87 -1.30 30.27
CA SER A 1 17.64 -2.21 31.10
C SER A 1 17.12 -2.22 32.53
N MET A 2 16.42 -1.15 32.93
CA MET A 2 15.67 -1.18 34.19
C MET A 2 14.64 -2.31 34.20
N SER A 3 14.05 -2.62 33.05
CA SER A 3 13.07 -3.68 32.90
C SER A 3 13.67 -5.07 32.82
N ARG A 4 15.00 -5.21 32.86
CA ARG A 4 15.64 -6.49 32.57
C ARG A 4 15.38 -7.51 33.68
N ILE A 5 15.03 -8.74 33.28
CA ILE A 5 14.82 -9.89 34.16
C ILE A 5 15.42 -11.11 33.48
N THR A 6 15.70 -12.14 34.27
CA THR A 6 16.16 -13.41 33.71
C THR A 6 15.58 -14.56 34.50
N ILE A 7 15.38 -15.69 33.82
CA ILE A 7 14.99 -16.95 34.44
C ILE A 7 15.85 -18.06 33.83
N GLU A 8 15.82 -19.22 34.47
CA GLU A 8 16.54 -20.39 34.01
C GLU A 8 15.57 -21.43 33.46
N ARG A 9 15.99 -22.14 32.42
CA ARG A 9 15.29 -23.33 31.92
C ARG A 9 16.37 -24.33 31.57
N ASP A 10 16.39 -25.48 32.26
CA ASP A 10 17.37 -26.54 31.95
C ASP A 10 18.81 -26.03 31.93
N GLY A 11 19.21 -25.19 32.88
CA GLY A 11 20.60 -24.76 32.73
C GLY A 11 20.85 -23.64 31.73
N LEU A 12 19.83 -23.16 31.00
CA LEU A 12 19.98 -22.01 30.11
C LEU A 12 19.37 -20.79 30.77
N THR A 13 20.08 -19.67 30.71
CA THR A 13 19.53 -18.39 31.15
C THR A 13 18.72 -17.77 30.02
N LEU A 14 17.49 -17.40 30.31
CA LEU A 14 16.63 -16.67 29.38
C LEU A 14 16.52 -15.22 29.83
N VAL A 15 16.74 -14.29 28.90
CA VAL A 15 16.78 -12.86 29.20
C VAL A 15 15.50 -12.22 28.67
N GLY A 16 14.86 -11.40 29.51
CA GLY A 16 13.60 -10.78 29.15
C GLY A 16 13.52 -9.35 29.66
N ASP A 17 12.39 -8.70 29.31
CA ASP A 17 12.04 -7.38 29.82
C ASP A 17 10.63 -7.41 30.38
N ARG A 18 10.48 -6.86 31.58
CA ARG A 18 9.23 -6.79 32.31
C ARG A 18 8.72 -5.35 32.29
N GLU A 19 7.49 -5.15 31.83
CA GLU A 19 6.89 -3.84 31.71
C GLU A 19 5.62 -3.81 32.56
N GLU A 20 5.50 -2.83 33.47
CA GLU A 20 4.40 -2.80 34.43
C GLU A 20 3.69 -1.45 34.39
N PRO A 21 2.38 -1.44 34.57
CA PRO A 21 1.66 -0.18 34.76
C PRO A 21 1.85 0.31 36.20
N PHE A 22 1.32 1.49 36.47
CA PHE A 22 1.35 1.99 37.84
C PHE A 22 0.43 1.16 38.73
N GLY A 23 0.88 0.86 39.92
CA GLY A 23 0.02 -0.04 40.68
C GLY A 23 0.65 -1.41 40.76
N GLU A 24 0.42 -2.10 41.87
CA GLU A 24 1.19 -3.29 42.19
C GLU A 24 0.52 -4.60 41.78
N ILE A 25 -0.74 -4.57 41.32
CA ILE A 25 -1.44 -5.76 40.86
C ILE A 25 -1.89 -5.53 39.42
N TYR A 26 -1.74 -6.55 38.58
CA TYR A 26 -2.09 -6.36 37.17
C TYR A 26 -2.21 -7.71 36.50
N ASP A 27 -2.96 -7.74 35.40
CA ASP A 27 -2.85 -8.84 34.47
C ASP A 27 -1.48 -8.78 33.79
N MET A 28 -1.08 -9.90 33.19
CA MET A 28 0.27 -10.05 32.68
C MET A 28 0.23 -10.83 31.37
N ALA A 29 0.75 -10.22 30.30
CA ALA A 29 0.89 -10.91 29.01
C ALA A 29 2.32 -11.41 28.85
N ILE A 30 2.47 -12.64 28.36
CA ILE A 30 3.74 -13.18 27.92
C ILE A 30 3.79 -13.01 26.40
N ILE A 31 4.76 -12.24 25.91
CA ILE A 31 4.86 -11.84 24.51
C ILE A 31 6.01 -12.62 23.87
N MET A 32 5.73 -13.33 22.78
CA MET A 32 6.68 -14.28 22.19
C MET A 32 7.05 -13.88 20.77
N HIS A 33 8.36 -13.88 20.47
CA HIS A 33 8.84 -13.48 19.16
C HIS A 33 8.99 -14.69 18.24
N GLY A 34 9.39 -14.43 16.99
CA GLY A 34 9.45 -15.45 15.98
C GLY A 34 10.85 -15.95 15.67
N PHE A 35 10.91 -16.78 14.61
CA PHE A 35 12.11 -17.45 14.13
C PHE A 35 13.16 -16.43 13.71
N THR A 36 14.35 -16.51 14.31
CA THR A 36 15.49 -15.58 14.16
C THR A 36 15.23 -14.18 14.71
N ALA A 37 14.04 -13.86 15.22
CA ALA A 37 13.76 -12.54 15.77
C ALA A 37 14.29 -12.45 17.21
N ASN A 38 13.86 -11.43 17.94
CA ASN A 38 14.18 -11.30 19.35
C ASN A 38 13.06 -10.55 20.07
N ARG A 39 13.22 -10.39 21.38
CA ARG A 39 12.16 -9.88 22.23
C ARG A 39 11.90 -8.39 22.06
N ASN A 40 12.74 -7.66 21.32
CA ASN A 40 12.67 -6.21 21.25
C ASN A 40 12.39 -5.69 19.84
N THR A 41 11.70 -6.45 19.00
CA THR A 41 11.26 -5.90 17.72
C THR A 41 10.29 -4.75 17.97
N ASP A 42 10.11 -3.91 16.94
CA ASP A 42 9.20 -2.77 17.03
C ASP A 42 7.81 -3.21 17.44
N LEU A 43 7.30 -4.27 16.81
CA LEU A 43 5.94 -4.73 17.08
C LEU A 43 5.78 -5.19 18.52
N LEU A 44 6.70 -6.02 19.00
CA LEU A 44 6.59 -6.52 20.38
C LEU A 44 6.70 -5.40 21.41
N ARG A 45 7.62 -4.45 21.19
CA ARG A 45 7.68 -3.29 22.07
C ARG A 45 6.41 -2.46 21.97
N GLN A 46 5.83 -2.31 20.78
CA GLN A 46 4.59 -1.55 20.65
C GLN A 46 3.47 -2.23 21.43
N ILE A 47 3.33 -3.56 21.28
CA ILE A 47 2.34 -4.31 22.05
C ILE A 47 2.53 -4.08 23.55
N ALA A 48 3.77 -4.20 24.02
CA ALA A 48 4.04 -4.04 25.45
C ALA A 48 3.65 -2.64 25.92
N ASP A 49 4.00 -1.61 25.14
CA ASP A 49 3.65 -0.24 25.51
C ASP A 49 2.13 -0.04 25.51
N ASP A 50 1.44 -0.57 24.51
CA ASP A 50 -0.01 -0.42 24.46
C ASP A 50 -0.67 -1.14 25.63
N LEU A 51 -0.12 -2.29 26.02
CA LEU A 51 -0.67 -3.01 27.15
C LEU A 51 -0.47 -2.23 28.45
N ARG A 52 0.75 -1.73 28.65
CA ARG A 52 1.05 -0.93 29.84
C ARG A 52 0.10 0.25 29.99
N ASP A 53 -0.11 1.00 28.90
CA ASP A 53 -1.04 2.13 28.90
C ASP A 53 -2.46 1.69 29.25
N GLU A 54 -2.74 0.40 29.17
CA GLU A 54 -4.03 -0.22 29.46
C GLU A 54 -4.08 -0.87 30.84
N ASN A 55 -3.06 -0.69 31.66
CA ASN A 55 -2.97 -1.32 32.98
C ASN A 55 -2.74 -2.82 32.90
N VAL A 56 -2.10 -3.28 31.82
CA VAL A 56 -1.74 -4.68 31.66
C VAL A 56 -0.22 -4.78 31.57
N ALA A 57 0.37 -5.54 32.49
CA ALA A 57 1.82 -5.77 32.50
C ALA A 57 2.20 -6.77 31.41
N SER A 58 3.50 -6.88 31.15
CA SER A 58 3.94 -7.87 30.17
C SER A 58 5.39 -8.23 30.44
N VAL A 59 5.76 -9.44 30.02
CA VAL A 59 7.15 -9.87 29.94
C VAL A 59 7.38 -10.34 28.51
N ARG A 60 8.57 -10.07 27.99
CA ARG A 60 8.97 -10.58 26.70
C ARG A 60 10.40 -11.08 26.82
N PHE A 61 10.61 -12.34 26.48
CA PHE A 61 11.88 -13.03 26.62
C PHE A 61 12.45 -13.40 25.25
N ASP A 62 13.77 -13.40 25.15
CA ASP A 62 14.43 -14.05 24.04
C ASP A 62 14.37 -15.57 24.24
N PHE A 63 13.85 -16.27 23.24
CA PHE A 63 13.90 -17.73 23.27
C PHE A 63 15.36 -18.19 23.30
N ASN A 64 15.56 -19.43 23.75
CA ASN A 64 16.89 -20.03 23.66
C ASN A 64 17.41 -19.95 22.23
N GLY A 65 18.70 -19.66 22.09
CA GLY A 65 19.30 -19.53 20.79
C GLY A 65 19.05 -18.20 20.09
N HIS A 66 18.44 -17.23 20.78
CA HIS A 66 18.07 -15.94 20.20
C HIS A 66 18.50 -14.82 21.13
N GLY A 67 18.77 -13.65 20.54
CA GLY A 67 19.00 -12.45 21.31
C GLY A 67 20.07 -12.63 22.36
N GLU A 68 19.75 -12.26 23.59
CA GLU A 68 20.68 -12.33 24.71
C GLU A 68 20.56 -13.62 25.51
N SER A 69 19.67 -14.53 25.13
CA SER A 69 19.49 -15.75 25.90
C SER A 69 20.60 -16.74 25.56
N ASP A 70 20.77 -17.74 26.44
CA ASP A 70 21.77 -18.77 26.21
C ASP A 70 21.35 -19.69 25.05
N GLY A 71 22.29 -20.50 24.60
CA GLY A 71 21.99 -21.58 23.67
C GLY A 71 22.34 -21.21 22.23
N LYS A 72 22.81 -22.19 21.47
CA LYS A 72 23.07 -22.00 20.04
C LYS A 72 21.75 -22.02 19.27
N PHE A 73 21.64 -21.16 18.26
CA PHE A 73 20.43 -21.12 17.45
C PHE A 73 20.12 -22.50 16.85
N GLU A 74 21.15 -23.22 16.41
CA GLU A 74 20.93 -24.52 15.79
C GLU A 74 20.44 -25.59 16.78
N ASP A 75 20.48 -25.32 18.08
CA ASP A 75 19.95 -26.25 19.08
C ASP A 75 18.52 -25.92 19.47
N MET A 76 17.94 -24.87 18.88
CA MET A 76 16.57 -24.50 19.14
C MET A 76 15.62 -25.41 18.37
N THR A 77 14.50 -25.80 19.00
CA THR A 77 13.37 -26.44 18.35
C THR A 77 12.12 -25.71 18.80
N VAL A 78 11.01 -25.91 18.10
CA VAL A 78 9.74 -25.40 18.61
C VAL A 78 9.42 -26.04 19.96
N CYS A 79 9.77 -27.32 20.13
CA CYS A 79 9.47 -28.01 21.40
C CYS A 79 10.23 -27.40 22.57
N ASN A 80 11.52 -27.06 22.40
CA ASN A 80 12.16 -26.45 23.56
C ASN A 80 11.87 -24.95 23.69
N GLU A 81 11.27 -24.31 22.66
CA GLU A 81 10.69 -22.99 22.87
C GLU A 81 9.38 -23.08 23.67
N ILE A 82 8.58 -24.12 23.42
CA ILE A 82 7.43 -24.38 24.31
C ILE A 82 7.90 -24.59 25.76
N ALA A 83 9.02 -25.31 25.94
CA ALA A 83 9.58 -25.48 27.27
C ALA A 83 10.04 -24.15 27.86
N ASP A 84 10.73 -23.32 27.06
CA ASP A 84 11.01 -21.93 27.50
C ASP A 84 9.70 -21.26 27.91
N GLY A 85 8.69 -21.38 27.06
CA GLY A 85 7.37 -20.83 27.38
C GLY A 85 6.85 -21.33 28.72
N LYS A 86 6.96 -22.63 28.96
CA LYS A 86 6.49 -23.16 30.24
C LYS A 86 7.24 -22.53 31.42
N ALA A 87 8.56 -22.35 31.29
CA ALA A 87 9.32 -21.74 32.37
C ALA A 87 8.89 -20.29 32.60
N ILE A 88 8.60 -19.55 31.52
CA ILE A 88 8.11 -18.19 31.69
C ILE A 88 6.73 -18.20 32.35
N LEU A 89 5.87 -19.11 31.92
CA LEU A 89 4.55 -19.22 32.52
C LEU A 89 4.64 -19.53 34.03
N ASP A 90 5.60 -20.38 34.43
CA ASP A 90 5.79 -20.64 35.86
C ASP A 90 6.18 -19.37 36.60
N TYR A 91 7.14 -18.61 36.02
CA TYR A 91 7.56 -17.35 36.62
C TYR A 91 6.39 -16.39 36.77
N VAL A 92 5.53 -16.31 35.76
CA VAL A 92 4.39 -15.41 35.84
C VAL A 92 3.33 -15.94 36.80
N HIS A 93 2.99 -17.23 36.68
CA HIS A 93 1.94 -17.83 37.49
C HIS A 93 2.25 -17.78 38.98
N THR A 94 3.52 -17.85 39.36
CA THR A 94 3.85 -17.77 40.79
C THR A 94 4.18 -16.35 41.22
N ASP A 95 4.06 -15.36 40.34
CA ASP A 95 4.38 -14.00 40.70
C ASP A 95 3.24 -13.41 41.54
N PRO A 96 3.53 -12.83 42.71
CA PRO A 96 2.43 -12.38 43.58
C PRO A 96 1.71 -11.13 43.08
N HIS A 97 2.24 -10.48 42.05
CA HIS A 97 1.64 -9.26 41.52
C HIS A 97 0.55 -9.53 40.49
N VAL A 98 0.37 -10.77 40.04
CA VAL A 98 -0.37 -11.06 38.82
C VAL A 98 -1.82 -11.46 39.12
N ARG A 99 -2.75 -10.96 38.29
CA ARG A 99 -4.10 -11.49 38.26
C ARG A 99 -4.23 -12.54 37.16
N ASP A 100 -4.58 -12.15 35.93
CA ASP A 100 -4.77 -13.10 34.84
C ASP A 100 -3.56 -13.12 33.92
N ILE A 101 -3.45 -14.19 33.13
CA ILE A 101 -2.27 -14.45 32.32
C ILE A 101 -2.68 -14.55 30.86
N PHE A 102 -2.04 -13.75 30.00
CA PHE A 102 -2.33 -13.76 28.58
C PHE A 102 -1.10 -14.26 27.82
N LEU A 103 -1.32 -14.90 26.68
CA LEU A 103 -0.24 -15.27 25.77
C LEU A 103 -0.39 -14.51 24.47
N VAL A 104 0.69 -13.91 24.01
CA VAL A 104 0.72 -13.17 22.74
C VAL A 104 1.91 -13.67 21.96
N GLY A 105 1.67 -14.18 20.74
CA GLY A 105 2.76 -14.68 19.91
C GLY A 105 2.70 -14.18 18.48
N HIS A 106 3.86 -13.80 17.95
CA HIS A 106 4.00 -13.40 16.56
C HIS A 106 4.75 -14.49 15.80
N SER A 107 4.19 -14.91 14.66
CA SER A 107 4.87 -15.81 13.72
C SER A 107 5.13 -17.14 14.41
N GLN A 108 6.37 -17.63 14.43
CA GLN A 108 6.61 -18.89 15.16
C GLN A 108 6.24 -18.75 16.63
N GLY A 109 6.38 -17.55 17.20
CA GLY A 109 5.94 -17.32 18.55
C GLY A 109 4.45 -17.50 18.73
N GLY A 110 3.66 -17.32 17.68
CA GLY A 110 2.25 -17.66 17.75
C GLY A 110 1.99 -19.15 17.82
N VAL A 111 2.86 -19.96 17.20
CA VAL A 111 2.75 -21.41 17.33
C VAL A 111 3.10 -21.85 18.76
N VAL A 112 4.20 -21.32 19.29
CA VAL A 112 4.58 -21.62 20.67
C VAL A 112 3.47 -21.21 21.63
N ALA A 113 2.91 -20.02 21.42
CA ALA A 113 1.85 -19.52 22.29
C ALA A 113 0.59 -20.38 22.16
N SER A 114 0.25 -20.79 20.95
CA SER A 114 -1.00 -21.55 20.79
C SER A 114 -0.86 -22.95 21.40
N MET A 115 0.29 -23.60 21.18
CA MET A 115 0.48 -24.93 21.76
C MET A 115 0.63 -24.86 23.28
N LEU A 116 1.37 -23.88 23.79
CA LEU A 116 1.46 -23.71 25.23
C LEU A 116 0.10 -23.50 25.86
N ALA A 117 -0.75 -22.67 25.24
CA ALA A 117 -2.08 -22.46 25.79
C ALA A 117 -2.92 -23.73 25.72
N GLY A 118 -2.72 -24.54 24.67
CA GLY A 118 -3.42 -25.81 24.58
C GLY A 118 -3.02 -26.76 25.69
N LEU A 119 -1.78 -26.65 26.18
CA LEU A 119 -1.30 -27.45 27.30
C LEU A 119 -1.66 -26.86 28.66
N TYR A 120 -1.97 -25.56 28.71
CA TYR A 120 -2.39 -24.94 29.95
C TYR A 120 -3.75 -24.24 29.76
N PRO A 121 -4.77 -24.94 29.26
CA PRO A 121 -6.04 -24.24 28.96
C PRO A 121 -6.79 -23.81 30.19
N ASP A 122 -6.41 -24.31 31.37
CA ASP A 122 -7.05 -23.95 32.62
C ASP A 122 -6.33 -22.81 33.33
N VAL A 123 -5.18 -22.39 32.83
CA VAL A 123 -4.35 -21.37 33.46
C VAL A 123 -4.32 -20.09 32.63
N VAL A 124 -4.04 -20.21 31.33
CA VAL A 124 -4.05 -19.04 30.44
C VAL A 124 -5.50 -18.60 30.23
N LYS A 125 -5.74 -17.28 30.37
CA LYS A 125 -7.05 -16.67 30.25
C LYS A 125 -7.40 -16.30 28.82
N LYS A 126 -6.46 -15.70 28.08
CA LYS A 126 -6.71 -15.26 26.71
C LYS A 126 -5.47 -15.42 25.87
N VAL A 127 -5.65 -15.53 24.56
CA VAL A 127 -4.54 -15.65 23.62
C VAL A 127 -4.73 -14.68 22.45
N VAL A 128 -3.63 -14.04 22.02
CA VAL A 128 -3.58 -13.27 20.78
C VAL A 128 -2.47 -13.86 19.91
N LEU A 129 -2.83 -14.30 18.70
CA LEU A 129 -1.88 -14.81 17.72
C LEU A 129 -1.76 -13.79 16.57
N LEU A 130 -0.54 -13.36 16.28
CA LEU A 130 -0.27 -12.43 15.19
C LEU A 130 0.48 -13.21 14.11
N ALA A 131 -0.17 -13.39 12.95
CA ALA A 131 0.37 -14.17 11.84
C ALA A 131 1.06 -15.46 12.32
N PRO A 132 0.37 -16.30 13.09
CA PRO A 132 1.07 -17.48 13.66
C PRO A 132 1.54 -18.39 12.54
N ALA A 133 2.78 -18.88 12.67
CA ALA A 133 3.48 -19.50 11.54
C ALA A 133 3.31 -21.01 11.53
N ALA A 134 2.04 -21.45 11.54
CA ALA A 134 1.76 -22.88 11.47
C ALA A 134 2.24 -23.49 10.15
N GLN A 135 2.53 -22.66 9.14
CA GLN A 135 3.14 -23.14 7.90
C GLN A 135 4.48 -23.83 8.11
N LEU A 136 5.15 -23.58 9.25
CA LEU A 136 6.49 -24.14 9.46
C LEU A 136 6.48 -25.66 9.36
N LYS A 137 5.36 -26.31 9.68
CA LYS A 137 5.27 -27.77 9.54
C LYS A 137 5.24 -28.19 8.07
N ASP A 138 4.30 -27.65 7.28
CA ASP A 138 4.27 -27.95 5.85
C ASP A 138 5.56 -27.57 5.17
N ASP A 139 6.19 -26.46 5.60
CA ASP A 139 7.49 -26.07 5.05
C ASP A 139 8.53 -27.16 5.28
N ALA A 140 8.63 -27.67 6.51
CA ALA A 140 9.57 -28.73 6.79
C ALA A 140 9.22 -30.00 6.02
N LEU A 141 7.92 -30.29 5.87
CA LEU A 141 7.52 -31.47 5.11
C LEU A 141 7.88 -31.35 3.63
N ARG A 142 7.93 -30.12 3.11
CA ARG A 142 8.27 -29.85 1.73
C ARG A 142 9.77 -29.71 1.48
N GLY A 143 10.57 -29.52 2.52
CA GLY A 143 11.99 -29.34 2.31
C GLY A 143 12.36 -27.93 1.92
N ASN A 144 11.57 -26.94 2.33
CA ASN A 144 11.89 -25.54 2.04
C ASN A 144 11.51 -24.72 3.26
N THR A 145 12.51 -24.25 4.00
CA THR A 145 12.31 -23.45 5.21
C THR A 145 12.89 -22.05 4.96
N GLN A 146 12.00 -21.11 4.62
CA GLN A 146 12.35 -19.72 4.36
C GLN A 146 13.47 -19.63 3.31
N GLY A 147 13.27 -20.36 2.20
CA GLY A 147 14.18 -20.32 1.09
C GLY A 147 15.30 -21.34 1.13
N ALA A 148 15.62 -21.87 2.32
CA ALA A 148 16.64 -22.90 2.43
C ALA A 148 16.03 -24.26 2.10
N THR A 149 16.66 -24.98 1.18
CA THR A 149 16.10 -26.23 0.70
C THR A 149 16.95 -27.40 1.16
N TYR A 150 16.30 -28.56 1.26
CA TYR A 150 16.92 -29.76 1.79
C TYR A 150 15.97 -30.91 1.47
N ASP A 151 16.51 -32.10 1.45
CA ASP A 151 15.68 -33.27 1.24
C ASP A 151 14.88 -33.54 2.50
N PRO A 152 13.54 -33.43 2.48
CA PRO A 152 12.77 -33.60 3.73
C PRO A 152 12.81 -35.02 4.29
N ASN A 153 13.38 -35.98 3.56
CA ASN A 153 13.52 -37.35 4.03
C ASN A 153 14.98 -37.72 4.31
N HIS A 154 15.91 -36.78 4.15
CA HIS A 154 17.30 -36.97 4.54
C HIS A 154 17.83 -35.64 5.09
N ILE A 155 17.15 -35.17 6.15
CA ILE A 155 17.43 -33.86 6.73
C ILE A 155 18.84 -33.87 7.30
N PRO A 156 19.71 -32.96 6.86
CA PRO A 156 21.09 -32.93 7.38
C PRO A 156 21.13 -32.44 8.82
N ASP A 157 22.33 -32.56 9.42
CA ASP A 157 22.55 -32.16 10.80
C ASP A 157 22.09 -30.72 11.05
N VAL A 158 22.53 -29.80 10.19
CA VAL A 158 22.12 -28.39 10.21
C VAL A 158 21.84 -27.99 8.78
N VAL A 159 20.99 -26.98 8.59
CA VAL A 159 20.67 -26.46 7.27
C VAL A 159 21.01 -24.98 7.26
N PRO A 160 21.95 -24.53 6.41
CA PRO A 160 22.25 -23.08 6.34
C PRO A 160 21.03 -22.29 5.89
N LEU A 161 20.74 -21.21 6.62
CA LEU A 161 19.66 -20.33 6.20
C LEU A 161 20.18 -19.35 5.14
N VAL A 162 19.25 -18.73 4.41
CA VAL A 162 19.58 -17.80 3.32
C VAL A 162 18.94 -16.42 3.56
N GLY A 163 19.22 -15.48 2.68
CA GLY A 163 18.58 -14.17 2.78
C GLY A 163 19.08 -13.38 3.98
N ASN A 164 18.13 -12.85 4.74
CA ASN A 164 18.47 -12.06 5.93
C ASN A 164 19.16 -12.89 7.00
N ALA A 165 18.84 -14.19 7.07
CA ALA A 165 19.40 -15.06 8.10
C ALA A 165 20.70 -15.72 7.67
N LEU A 166 21.29 -15.26 6.56
CA LEU A 166 22.55 -15.79 6.08
C LEU A 166 23.59 -15.81 7.20
N GLY A 167 24.36 -16.89 7.27
CA GLY A 167 25.25 -17.13 8.39
C GLY A 167 24.66 -18.01 9.49
N MET A 168 23.33 -18.06 9.61
CA MET A 168 22.68 -18.86 10.63
C MET A 168 22.35 -20.26 10.10
N LYS A 169 22.34 -21.24 11.02
CA LYS A 169 22.09 -22.64 10.67
C LYS A 169 20.96 -23.16 11.54
N VAL A 170 19.90 -23.65 10.92
CA VAL A 170 18.80 -24.24 11.66
C VAL A 170 19.12 -25.72 11.90
N GLY A 171 18.81 -26.22 13.09
CA GLY A 171 19.14 -27.60 13.39
C GLY A 171 18.25 -28.58 12.64
N GLY A 172 18.83 -29.71 12.24
CA GLY A 172 18.01 -30.78 11.67
C GLY A 172 16.90 -31.25 12.60
N PHE A 173 17.15 -31.24 13.91
CA PHE A 173 16.11 -31.65 14.87
C PHE A 173 14.95 -30.67 14.87
N TYR A 174 15.22 -29.37 14.69
CA TYR A 174 14.15 -28.39 14.47
C TYR A 174 13.25 -28.84 13.32
N LEU A 175 13.86 -29.21 12.18
CA LEU A 175 13.10 -29.60 11.00
C LEU A 175 12.40 -30.93 11.19
N ARG A 176 13.07 -31.90 11.80
CA ARG A 176 12.45 -33.20 12.03
C ARG A 176 11.27 -33.10 12.98
N THR A 177 11.39 -32.31 14.06
CA THR A 177 10.23 -32.19 14.96
C THR A 177 9.14 -31.32 14.35
N ALA A 178 9.51 -30.31 13.55
CA ALA A 178 8.50 -29.51 12.85
C ALA A 178 7.59 -30.38 12.00
N GLN A 179 8.15 -31.40 11.33
CA GLN A 179 7.38 -32.21 10.40
C GLN A 179 6.22 -32.93 11.08
N VAL A 180 6.35 -33.29 12.36
CA VAL A 180 5.35 -34.10 13.05
C VAL A 180 4.65 -33.32 14.16
N LEU A 181 4.82 -32.01 14.20
CA LEU A 181 4.34 -31.21 15.32
C LEU A 181 2.81 -31.14 15.30
N PRO A 182 2.11 -31.59 16.35
CA PRO A 182 0.63 -31.52 16.28
C PRO A 182 0.09 -30.14 16.64
N ILE A 183 0.31 -29.17 15.72
CA ILE A 183 0.05 -27.77 16.05
C ILE A 183 -1.43 -27.55 16.38
N TYR A 184 -2.31 -27.83 15.41
CA TYR A 184 -3.72 -27.50 15.62
C TYR A 184 -4.39 -28.43 16.62
N GLU A 185 -3.97 -29.70 16.68
CA GLU A 185 -4.59 -30.64 17.61
C GLU A 185 -4.36 -30.22 19.05
N VAL A 186 -3.13 -29.83 19.42
CA VAL A 186 -2.86 -29.36 20.77
C VAL A 186 -3.50 -27.99 21.02
N SER A 187 -3.35 -27.06 20.06
CA SER A 187 -3.85 -25.69 20.22
C SER A 187 -5.36 -25.68 20.44
N GLN A 188 -6.09 -26.54 19.70
CA GLN A 188 -7.55 -26.69 19.78
C GLN A 188 -8.07 -26.88 21.20
N ARG A 189 -7.24 -27.42 22.09
CA ARG A 189 -7.70 -27.71 23.43
C ARG A 189 -8.02 -26.46 24.23
N PHE A 190 -7.51 -25.30 23.80
CA PHE A 190 -7.80 -24.02 24.44
C PHE A 190 -9.18 -23.56 23.99
N THR A 191 -10.13 -23.48 24.91
CA THR A 191 -11.51 -23.11 24.56
C THR A 191 -11.86 -21.71 25.03
N ARG A 192 -10.94 -21.01 25.68
CA ARG A 192 -11.11 -19.63 26.11
C ARG A 192 -10.89 -18.68 24.92
N PRO A 193 -11.08 -17.36 25.10
CA PRO A 193 -11.07 -16.45 23.94
C PRO A 193 -9.70 -16.32 23.28
N VAL A 194 -9.71 -16.38 21.95
CA VAL A 194 -8.54 -16.16 21.10
C VAL A 194 -8.86 -15.08 20.07
N SER A 195 -7.89 -14.21 19.82
CA SER A 195 -7.94 -13.26 18.71
C SER A 195 -6.80 -13.59 17.77
N VAL A 196 -7.12 -13.84 16.52
CA VAL A 196 -6.14 -14.18 15.48
C VAL A 196 -6.01 -12.98 14.55
N ILE A 197 -4.81 -12.44 14.43
CA ILE A 197 -4.54 -11.24 13.63
C ILE A 197 -3.58 -11.60 12.50
N ALA A 198 -3.92 -11.19 11.27
CA ALA A 198 -3.10 -11.53 10.11
C ALA A 198 -3.29 -10.49 9.02
N GLY A 199 -2.23 -10.29 8.23
CA GLY A 199 -2.28 -9.32 7.14
C GLY A 199 -2.64 -10.00 5.83
N THR A 200 -3.54 -9.37 5.07
CA THR A 200 -3.94 -9.92 3.77
C THR A 200 -2.77 -10.00 2.80
N ASN A 201 -1.72 -9.20 3.00
CA ASN A 201 -0.54 -9.20 2.14
C ASN A 201 0.62 -9.97 2.75
N ASP A 202 0.34 -10.94 3.62
CA ASP A 202 1.36 -11.77 4.24
C ASP A 202 1.94 -12.73 3.22
N GLN A 203 3.21 -12.55 2.88
CA GLN A 203 3.88 -13.37 1.89
C GLN A 203 4.68 -14.51 2.51
N VAL A 204 4.86 -14.50 3.83
CA VAL A 204 5.67 -15.51 4.51
C VAL A 204 4.82 -16.67 5.01
N VAL A 205 3.66 -16.39 5.62
CA VAL A 205 2.74 -17.40 6.08
C VAL A 205 1.42 -17.19 5.36
N ASP A 206 0.99 -18.20 4.62
CA ASP A 206 -0.30 -18.15 3.94
C ASP A 206 -1.41 -17.87 4.94
N PRO A 207 -2.23 -16.83 4.73
CA PRO A 207 -3.33 -16.55 5.67
C PRO A 207 -4.33 -17.68 5.85
N LYS A 208 -4.28 -18.75 5.03
CA LYS A 208 -5.15 -19.89 5.30
C LYS A 208 -4.84 -20.52 6.65
N TYR A 209 -3.62 -20.36 7.16
CA TYR A 209 -3.28 -20.93 8.47
C TYR A 209 -3.95 -20.16 9.59
N ALA A 210 -4.07 -18.83 9.43
CA ALA A 210 -4.78 -18.04 10.43
C ALA A 210 -6.27 -18.34 10.38
N LYS A 211 -6.81 -18.55 9.17
CA LYS A 211 -8.20 -18.94 9.00
C LYS A 211 -8.48 -20.26 9.69
N LYS A 212 -7.54 -21.22 9.58
CA LYS A 212 -7.77 -22.53 10.17
C LYS A 212 -7.74 -22.45 11.70
N TYR A 213 -6.84 -21.62 12.26
CA TYR A 213 -6.88 -21.38 13.71
C TYR A 213 -8.27 -20.92 14.13
N ASP A 214 -8.84 -19.97 13.38
CA ASP A 214 -10.14 -19.42 13.75
C ASP A 214 -11.25 -20.45 13.60
N GLU A 215 -11.12 -21.37 12.65
CA GLU A 215 -12.12 -22.41 12.47
C GLU A 215 -12.07 -23.43 13.62
N VAL A 216 -10.87 -23.88 14.01
CA VAL A 216 -10.78 -24.90 15.05
C VAL A 216 -11.04 -24.35 16.45
N TYR A 217 -10.75 -23.09 16.71
CA TYR A 217 -10.99 -22.54 18.06
C TYR A 217 -12.47 -22.40 18.33
N GLU A 218 -12.89 -22.86 19.52
CA GLU A 218 -14.29 -22.71 19.93
C GLU A 218 -14.67 -21.25 20.12
N ASN A 219 -13.79 -20.44 20.71
CA ASN A 219 -14.10 -19.04 21.02
C ASN A 219 -13.00 -18.12 20.46
N SER A 220 -13.13 -17.74 19.19
CA SER A 220 -12.12 -16.92 18.53
C SER A 220 -12.75 -15.82 17.69
N GLU A 221 -11.92 -14.82 17.37
CA GLU A 221 -12.19 -13.80 16.36
C GLU A 221 -11.02 -13.76 15.39
N LEU A 222 -11.32 -13.45 14.14
CA LEU A 222 -10.29 -13.33 13.12
C LEU A 222 -10.28 -11.88 12.64
N HIS A 223 -9.09 -11.28 12.58
CA HIS A 223 -8.90 -9.91 12.09
C HIS A 223 -7.89 -9.95 10.96
N MET A 224 -8.39 -9.82 9.72
CA MET A 224 -7.55 -9.67 8.55
C MET A 224 -7.29 -8.18 8.33
N ILE A 225 -6.05 -7.76 8.42
CA ILE A 225 -5.68 -6.36 8.25
C ILE A 225 -5.35 -6.16 6.77
N PRO A 226 -6.17 -5.44 6.01
CA PRO A 226 -5.91 -5.29 4.57
C PRO A 226 -4.56 -4.63 4.36
N ASN A 227 -3.77 -5.22 3.46
CA ASN A 227 -2.48 -4.76 2.96
C ASN A 227 -1.34 -4.99 3.95
N ALA A 228 -1.60 -5.42 5.19
CA ALA A 228 -0.51 -5.63 6.14
C ALA A 228 0.38 -6.79 5.70
N ASP A 229 1.67 -6.67 6.00
CA ASP A 229 2.63 -7.72 5.71
C ASP A 229 2.86 -8.62 6.94
N HIS A 230 3.78 -9.59 6.80
CA HIS A 230 3.98 -10.58 7.85
C HIS A 230 4.55 -9.95 9.12
N ARG A 231 5.45 -9.00 8.98
CA ARG A 231 6.09 -8.36 10.12
C ARG A 231 5.19 -7.34 10.79
N PHE A 232 4.10 -6.94 10.14
CA PHE A 232 3.32 -5.77 10.53
C PHE A 232 4.23 -4.55 10.62
N SER A 233 4.84 -4.23 9.48
CA SER A 233 5.78 -3.11 9.41
C SER A 233 5.03 -1.79 9.28
N GLY A 234 5.73 -0.71 9.64
CA GLY A 234 5.23 0.64 9.38
C GLY A 234 3.91 0.91 10.08
N GLY A 235 3.01 1.58 9.37
CA GLY A 235 1.69 1.86 9.92
C GLY A 235 0.90 0.62 10.33
N TYR A 236 1.25 -0.56 9.81
CA TYR A 236 0.50 -1.75 10.21
C TYR A 236 0.84 -2.19 11.63
N LYS A 237 2.07 -1.92 12.08
CA LYS A 237 2.46 -2.21 13.46
C LYS A 237 1.46 -1.65 14.44
N ASP A 238 1.09 -0.38 14.27
CA ASP A 238 0.17 0.27 15.17
C ASP A 238 -1.19 -0.39 15.13
N MET A 239 -1.60 -0.86 13.95
CA MET A 239 -2.90 -1.49 13.80
C MET A 239 -2.93 -2.83 14.51
N ALA A 240 -1.87 -3.64 14.32
CA ALA A 240 -1.80 -4.95 14.95
C ALA A 240 -1.71 -4.81 16.47
N ALA A 241 -0.87 -3.90 16.94
CA ALA A 241 -0.73 -3.67 18.38
C ALA A 241 -2.02 -3.17 19.00
N ASP A 242 -2.74 -2.30 18.28
CA ASP A 242 -4.00 -1.79 18.79
C ASP A 242 -5.01 -2.93 18.97
N LEU A 243 -5.12 -3.80 17.97
CA LEU A 243 -6.04 -4.92 18.07
C LEU A 243 -5.66 -5.84 19.21
N THR A 244 -4.35 -6.06 19.42
CA THR A 244 -3.89 -6.87 20.54
C THR A 244 -4.30 -6.24 21.86
N ALA A 245 -4.07 -4.93 22.03
CA ALA A 245 -4.43 -4.29 23.29
C ALA A 245 -5.94 -4.27 23.49
N GLN A 246 -6.70 -4.08 22.42
CA GLN A 246 -8.16 -4.16 22.45
C GLN A 246 -8.63 -5.45 23.12
N PHE A 247 -8.14 -6.59 22.61
CA PHE A 247 -8.60 -7.89 23.06
C PHE A 247 -8.27 -8.13 24.53
N LEU A 248 -7.19 -7.54 25.04
CA LEU A 248 -6.72 -7.82 26.40
C LEU A 248 -7.04 -6.71 27.37
N LYS A 249 -7.82 -5.71 26.96
CA LYS A 249 -8.10 -4.56 27.81
C LYS A 249 -8.92 -4.98 29.03
N PRO A 250 -8.69 -4.36 30.20
CA PRO A 250 -9.38 -4.83 31.42
C PRO A 250 -10.88 -4.49 31.52
N ALA A 251 -11.45 -3.63 30.68
CA ALA A 251 -12.91 -3.40 30.68
C ALA A 251 -13.39 -2.56 31.86
N PHE A 252 -12.61 -1.56 32.26
CA PHE A 252 -12.98 -0.72 33.40
C PHE A 252 -14.20 0.12 33.06
N SER B 1 22.19 31.06 -17.12
CA SER B 1 21.04 31.82 -17.58
C SER B 1 19.76 31.17 -17.07
N MET B 2 18.73 32.00 -16.86
CA MET B 2 17.47 31.58 -16.25
C MET B 2 16.34 32.03 -17.17
N SER B 3 15.25 31.26 -17.18
CA SER B 3 14.05 31.68 -17.89
C SER B 3 12.83 31.01 -17.28
N ARG B 4 11.69 31.69 -17.40
CA ARG B 4 10.40 31.20 -16.92
C ARG B 4 9.74 30.37 -18.00
N ILE B 5 9.34 29.14 -17.67
CA ILE B 5 8.69 28.25 -18.62
C ILE B 5 7.37 27.76 -18.02
N THR B 6 6.44 27.37 -18.90
CA THR B 6 5.21 26.72 -18.46
C THR B 6 4.92 25.54 -19.37
N ILE B 7 4.27 24.52 -18.82
CA ILE B 7 3.73 23.39 -19.56
C ILE B 7 2.33 23.10 -19.04
N GLU B 8 1.60 22.26 -19.79
CA GLU B 8 0.24 21.87 -19.44
C GLU B 8 0.18 20.40 -19.02
N ARG B 9 -0.63 20.12 -18.00
CA ARG B 9 -1.00 18.74 -17.65
C ARG B 9 -2.48 18.72 -17.34
N ASP B 10 -3.25 17.92 -18.10
CA ASP B 10 -4.71 17.82 -17.91
C ASP B 10 -5.36 19.20 -17.81
N GLY B 11 -5.00 20.13 -18.68
CA GLY B 11 -5.68 21.40 -18.49
C GLY B 11 -5.26 22.25 -17.31
N LEU B 12 -4.24 21.85 -16.56
CA LEU B 12 -3.58 22.71 -15.57
C LEU B 12 -2.27 23.25 -16.14
N THR B 13 -1.96 24.51 -15.84
CA THR B 13 -0.66 25.09 -16.19
C THR B 13 0.30 24.92 -15.02
N LEU B 14 1.48 24.38 -15.30
CA LEU B 14 2.55 24.31 -14.31
C LEU B 14 3.63 25.32 -14.67
N VAL B 15 4.06 26.11 -13.69
CA VAL B 15 5.08 27.15 -13.89
C VAL B 15 6.41 26.63 -13.36
N GLY B 16 7.49 26.89 -14.11
CA GLY B 16 8.81 26.47 -13.70
C GLY B 16 9.88 27.48 -14.08
N ASP B 17 11.07 27.26 -13.53
CA ASP B 17 12.26 28.03 -13.89
C ASP B 17 13.27 27.09 -14.54
N ARG B 18 13.74 27.47 -15.72
CA ARG B 18 14.77 26.73 -16.44
C ARG B 18 16.12 27.44 -16.29
N GLU B 19 17.13 26.71 -15.84
CA GLU B 19 18.47 27.24 -15.61
C GLU B 19 19.44 26.47 -16.48
N GLU B 20 20.27 27.19 -17.25
CA GLU B 20 21.17 26.59 -18.23
C GLU B 20 22.62 27.00 -17.99
N PRO B 21 23.57 26.10 -18.24
CA PRO B 21 24.99 26.46 -18.18
C PRO B 21 25.43 27.13 -19.48
N PHE B 22 26.73 27.42 -19.58
CA PHE B 22 27.31 27.81 -20.86
C PHE B 22 27.08 26.70 -21.88
N GLY B 23 26.73 27.07 -23.10
CA GLY B 23 26.61 26.10 -24.16
C GLY B 23 25.16 25.80 -24.49
N GLU B 24 24.99 25.06 -25.59
CA GLU B 24 23.67 24.80 -26.13
C GLU B 24 23.20 23.36 -25.92
N ILE B 25 24.08 22.46 -25.49
CA ILE B 25 23.73 21.07 -25.25
C ILE B 25 24.14 20.74 -23.83
N TYR B 26 23.28 20.03 -23.10
CA TYR B 26 23.55 19.77 -21.69
C TYR B 26 22.64 18.67 -21.18
N ASP B 27 23.15 17.93 -20.20
CA ASP B 27 22.28 17.17 -19.32
C ASP B 27 21.33 18.12 -18.60
N MET B 28 20.23 17.54 -18.11
CA MET B 28 19.14 18.29 -17.51
C MET B 28 18.56 17.57 -16.31
N ALA B 29 18.53 18.24 -15.16
CA ALA B 29 17.94 17.71 -13.95
C ALA B 29 16.54 18.26 -13.78
N ILE B 30 15.60 17.39 -13.47
CA ILE B 30 14.27 17.81 -13.02
C ILE B 30 14.29 17.84 -11.50
N ILE B 31 14.12 19.03 -10.92
CA ILE B 31 14.23 19.24 -9.47
C ILE B 31 12.84 19.42 -8.88
N MET B 32 12.54 18.68 -7.82
CA MET B 32 11.17 18.50 -7.33
C MET B 32 11.07 18.89 -5.86
N HIS B 33 10.19 19.85 -5.55
CA HIS B 33 10.03 20.33 -4.19
C HIS B 33 9.08 19.44 -3.38
N GLY B 34 8.87 19.77 -2.10
CA GLY B 34 8.11 18.94 -1.20
C GLY B 34 6.70 19.43 -0.90
N PHE B 35 6.08 18.76 0.08
CA PHE B 35 4.72 19.06 0.54
C PHE B 35 4.64 20.49 1.05
N THR B 36 3.73 21.27 0.49
CA THR B 36 3.50 22.68 0.81
C THR B 36 4.67 23.61 0.42
N ALA B 37 5.80 23.11 -0.10
CA ALA B 37 6.89 23.96 -0.51
C ALA B 37 6.67 24.53 -1.91
N ASN B 38 7.72 25.05 -2.55
CA ASN B 38 7.61 25.49 -3.93
C ASN B 38 8.97 25.32 -4.61
N ARG B 39 9.02 25.70 -5.89
CA ARG B 39 10.20 25.45 -6.71
C ARG B 39 11.39 26.30 -6.34
N ASN B 40 11.21 27.35 -5.52
CA ASN B 40 12.29 28.29 -5.27
C ASN B 40 12.73 28.28 -3.80
N THR B 41 12.67 27.12 -3.14
CA THR B 41 13.29 27.06 -1.83
C THR B 41 14.79 27.23 -1.94
N ASP B 42 15.42 27.60 -0.82
CA ASP B 42 16.87 27.80 -0.79
C ASP B 42 17.62 26.56 -1.27
N LEU B 43 17.23 25.38 -0.77
CA LEU B 43 17.93 24.16 -1.16
C LEU B 43 17.86 23.93 -2.67
N LEU B 44 16.68 24.11 -3.26
CA LEU B 44 16.51 23.84 -4.69
C LEU B 44 17.27 24.85 -5.54
N ARG B 45 17.23 26.13 -5.17
CA ARG B 45 17.98 27.14 -5.92
C ARG B 45 19.49 26.89 -5.82
N GLN B 46 19.96 26.43 -4.65
CA GLN B 46 21.37 26.12 -4.49
C GLN B 46 21.76 24.92 -5.36
N ILE B 47 20.88 23.91 -5.42
CA ILE B 47 21.14 22.74 -6.28
C ILE B 47 21.21 23.17 -7.74
N ALA B 48 20.25 24.00 -8.18
CA ALA B 48 20.21 24.45 -9.57
C ALA B 48 21.47 25.25 -9.93
N ASP B 49 21.93 26.12 -9.03
CA ASP B 49 23.16 26.88 -9.28
C ASP B 49 24.38 25.94 -9.31
N ASP B 50 24.46 25.00 -8.37
CA ASP B 50 25.61 24.10 -8.35
C ASP B 50 25.65 23.23 -9.60
N LEU B 51 24.48 22.84 -10.12
CA LEU B 51 24.45 22.07 -11.37
C LEU B 51 24.89 22.94 -12.54
N ARG B 52 24.36 24.17 -12.63
CA ARG B 52 24.77 25.07 -13.69
C ARG B 52 26.28 25.24 -13.73
N ASP B 53 26.89 25.44 -12.57
CA ASP B 53 28.34 25.62 -12.49
C ASP B 53 29.10 24.38 -12.96
N GLU B 54 28.45 23.21 -13.02
CA GLU B 54 29.05 21.98 -13.52
C GLU B 54 28.61 21.65 -14.94
N ASN B 55 28.00 22.59 -15.65
CA ASN B 55 27.53 22.36 -17.02
C ASN B 55 26.35 21.38 -17.04
N VAL B 56 25.48 21.48 -16.03
CA VAL B 56 24.24 20.70 -16.01
C VAL B 56 23.07 21.67 -15.90
N ALA B 57 22.15 21.59 -16.85
CA ALA B 57 20.95 22.40 -16.77
C ALA B 57 19.93 21.79 -15.79
N SER B 58 18.94 22.59 -15.42
CA SER B 58 17.88 22.11 -14.55
C SER B 58 16.58 22.83 -14.88
N VAL B 59 15.47 22.13 -14.62
CA VAL B 59 14.15 22.74 -14.54
C VAL B 59 13.56 22.41 -13.17
N ARG B 60 12.93 23.40 -12.55
CA ARG B 60 12.22 23.19 -11.29
C ARG B 60 10.83 23.79 -11.44
N PHE B 61 9.80 22.95 -11.32
CA PHE B 61 8.41 23.37 -11.49
C PHE B 61 7.69 23.38 -10.14
N ASP B 62 6.72 24.26 -10.01
CA ASP B 62 5.75 24.16 -8.93
C ASP B 62 4.76 23.06 -9.27
N PHE B 63 4.59 22.11 -8.35
CA PHE B 63 3.56 21.11 -8.53
C PHE B 63 2.18 21.75 -8.53
N ASN B 64 1.21 21.02 -9.07
CA ASN B 64 -0.17 21.50 -9.03
C ASN B 64 -0.57 21.79 -7.59
N GLY B 65 -1.38 22.83 -7.39
CA GLY B 65 -1.75 23.24 -6.05
C GLY B 65 -0.64 23.90 -5.25
N HIS B 66 0.50 24.23 -5.86
CA HIS B 66 1.63 24.86 -5.19
C HIS B 66 2.12 26.07 -5.97
N GLY B 67 2.72 27.02 -5.24
CA GLY B 67 3.32 28.21 -5.82
C GLY B 67 2.49 28.88 -6.89
N GLU B 68 3.05 28.98 -8.11
CA GLU B 68 2.39 29.68 -9.20
C GLU B 68 1.62 28.76 -10.15
N SER B 69 1.64 27.44 -9.94
CA SER B 69 0.93 26.56 -10.84
C SER B 69 -0.58 26.57 -10.55
N ASP B 70 -1.37 26.04 -11.49
CA ASP B 70 -2.81 25.97 -11.29
C ASP B 70 -3.17 24.88 -10.27
N GLY B 71 -4.44 24.86 -9.89
CA GLY B 71 -5.02 23.86 -9.01
C GLY B 71 -5.08 24.32 -7.56
N LYS B 72 -6.12 23.86 -6.85
CA LYS B 72 -6.17 24.04 -5.41
C LYS B 72 -5.24 23.04 -4.72
N PHE B 73 -4.59 23.49 -3.65
CA PHE B 73 -3.71 22.61 -2.89
C PHE B 73 -4.44 21.34 -2.44
N GLU B 74 -5.70 21.48 -2.01
CA GLU B 74 -6.46 20.33 -1.52
C GLU B 74 -6.77 19.30 -2.60
N ASP B 75 -6.63 19.64 -3.88
CA ASP B 75 -6.82 18.67 -4.95
C ASP B 75 -5.53 17.98 -5.38
N MET B 76 -4.41 18.31 -4.76
CA MET B 76 -3.15 17.64 -5.03
C MET B 76 -3.13 16.27 -4.36
N THR B 77 -2.59 15.29 -5.08
CA THR B 77 -2.23 13.98 -4.51
C THR B 77 -0.81 13.66 -4.96
N VAL B 78 -0.16 12.71 -4.26
CA VAL B 78 1.13 12.25 -4.74
C VAL B 78 0.98 11.69 -6.16
N CYS B 79 -0.14 11.04 -6.45
CA CYS B 79 -0.34 10.46 -7.78
C CYS B 79 -0.44 11.52 -8.87
N ASN B 80 -1.17 12.61 -8.63
CA ASN B 80 -1.19 13.60 -9.71
C ASN B 80 0.05 14.48 -9.72
N GLU B 81 0.88 14.44 -8.67
CA GLU B 81 2.21 15.03 -8.75
C GLU B 81 3.14 14.19 -9.62
N ILE B 82 3.01 12.87 -9.54
CA ILE B 82 3.73 11.99 -10.46
C ILE B 82 3.30 12.28 -11.90
N ALA B 83 2.00 12.48 -12.12
CA ALA B 83 1.53 12.89 -13.43
C ALA B 83 2.15 14.22 -13.86
N ASP B 84 2.27 15.17 -12.93
CA ASP B 84 2.99 16.42 -13.21
C ASP B 84 4.42 16.10 -13.66
N GLY B 85 5.07 15.20 -12.90
CA GLY B 85 6.43 14.83 -13.19
C GLY B 85 6.58 14.20 -14.56
N LYS B 86 5.60 13.39 -14.96
CA LYS B 86 5.63 12.78 -16.29
C LYS B 86 5.48 13.83 -17.39
N ALA B 87 4.64 14.84 -17.16
CA ALA B 87 4.55 15.93 -18.14
C ALA B 87 5.87 16.68 -18.25
N ILE B 88 6.53 16.92 -17.12
CA ILE B 88 7.82 17.60 -17.13
C ILE B 88 8.86 16.74 -17.84
N LEU B 89 8.84 15.43 -17.59
CA LEU B 89 9.76 14.51 -18.25
C LEU B 89 9.53 14.51 -19.76
N ASP B 90 8.27 14.58 -20.21
CA ASP B 90 7.98 14.70 -21.63
C ASP B 90 8.63 15.96 -22.20
N TYR B 91 8.44 17.09 -21.51
CA TYR B 91 9.04 18.35 -21.94
C TYR B 91 10.56 18.25 -22.03
N VAL B 92 11.20 17.63 -21.04
CA VAL B 92 12.65 17.53 -21.05
C VAL B 92 13.10 16.56 -22.15
N HIS B 93 12.41 15.42 -22.27
CA HIS B 93 12.85 14.37 -23.18
C HIS B 93 12.76 14.80 -24.65
N THR B 94 11.75 15.58 -25.00
CA THR B 94 11.61 16.08 -26.36
C THR B 94 12.35 17.40 -26.60
N ASP B 95 13.08 17.91 -25.62
CA ASP B 95 13.76 19.18 -25.79
C ASP B 95 15.06 18.98 -26.58
N PRO B 96 15.28 19.73 -27.65
CA PRO B 96 16.43 19.46 -28.54
C PRO B 96 17.80 19.77 -27.93
N HIS B 97 17.86 20.46 -26.79
CA HIS B 97 19.13 20.78 -26.16
C HIS B 97 19.64 19.70 -25.20
N VAL B 98 18.85 18.68 -24.90
CA VAL B 98 19.15 17.84 -23.75
C VAL B 98 19.94 16.60 -24.17
N ARG B 99 20.94 16.24 -23.35
CA ARG B 99 21.57 14.93 -23.44
C ARG B 99 20.88 13.95 -22.48
N ASP B 100 21.33 13.84 -21.22
CA ASP B 100 20.74 12.92 -20.26
C ASP B 100 19.84 13.63 -19.25
N ILE B 101 18.96 12.84 -18.61
CA ILE B 101 17.89 13.35 -17.75
C ILE B 101 18.07 12.78 -16.35
N PHE B 102 18.10 13.67 -15.35
CA PHE B 102 18.25 13.30 -13.96
C PHE B 102 17.01 13.76 -13.18
N LEU B 103 16.65 13.00 -12.14
CA LEU B 103 15.61 13.42 -11.20
C LEU B 103 16.23 13.72 -9.85
N VAL B 104 15.86 14.85 -9.26
CA VAL B 104 16.29 15.28 -7.94
C VAL B 104 15.06 15.66 -7.14
N GLY B 105 14.86 15.05 -5.97
CA GLY B 105 13.67 15.35 -5.19
C GLY B 105 13.93 15.55 -3.71
N HIS B 106 13.30 16.57 -3.12
CA HIS B 106 13.42 16.85 -1.69
C HIS B 106 12.13 16.43 -0.99
N SER B 107 12.27 15.62 0.08
CA SER B 107 11.13 15.22 0.88
C SER B 107 10.03 14.56 0.04
N GLN B 108 8.81 15.11 0.01
CA GLN B 108 7.78 14.47 -0.83
C GLN B 108 8.16 14.47 -2.31
N GLY B 109 8.90 15.49 -2.76
CA GLY B 109 9.42 15.45 -4.12
C GLY B 109 10.38 14.30 -4.35
N GLY B 110 11.05 13.83 -3.29
CA GLY B 110 11.86 12.62 -3.40
C GLY B 110 11.02 11.38 -3.63
N VAL B 111 9.81 11.34 -3.09
CA VAL B 111 8.90 10.23 -3.37
C VAL B 111 8.39 10.28 -4.80
N VAL B 112 7.96 11.48 -5.24
CA VAL B 112 7.57 11.65 -6.64
C VAL B 112 8.72 11.25 -7.57
N ALA B 113 9.94 11.70 -7.26
CA ALA B 113 11.07 11.42 -8.13
C ALA B 113 11.35 9.93 -8.19
N SER B 114 11.39 9.27 -7.02
CA SER B 114 11.75 7.85 -6.97
C SER B 114 10.70 7.00 -7.68
N MET B 115 9.43 7.37 -7.55
CA MET B 115 8.40 6.60 -8.24
C MET B 115 8.36 6.88 -9.74
N LEU B 116 8.53 8.15 -10.14
CA LEU B 116 8.63 8.42 -11.58
C LEU B 116 9.82 7.67 -12.20
N ALA B 117 10.98 7.67 -11.52
CA ALA B 117 12.14 6.95 -12.03
C ALA B 117 11.86 5.45 -12.15
N GLY B 118 11.12 4.89 -11.20
CA GLY B 118 10.74 3.50 -11.31
C GLY B 118 9.82 3.23 -12.48
N LEU B 119 9.01 4.23 -12.87
CA LEU B 119 8.14 4.09 -14.03
C LEU B 119 8.87 4.36 -15.35
N TYR B 120 9.94 5.14 -15.32
CA TYR B 120 10.77 5.44 -16.49
C TYR B 120 12.22 5.02 -16.25
N PRO B 121 12.46 3.75 -15.89
CA PRO B 121 13.83 3.33 -15.56
C PRO B 121 14.72 3.23 -16.78
N ASP B 122 14.15 3.26 -17.97
CA ASP B 122 14.86 3.22 -19.24
C ASP B 122 15.13 4.60 -19.82
N VAL B 123 14.68 5.67 -19.16
CA VAL B 123 14.80 7.03 -19.67
C VAL B 123 15.61 7.90 -18.72
N VAL B 124 15.25 7.88 -17.42
CA VAL B 124 16.02 8.59 -16.41
C VAL B 124 17.37 7.91 -16.25
N LYS B 125 18.44 8.71 -16.26
CA LYS B 125 19.79 8.16 -16.18
C LYS B 125 20.27 8.03 -14.75
N LYS B 126 19.95 9.02 -13.91
CA LYS B 126 20.41 9.08 -12.53
C LYS B 126 19.37 9.79 -11.68
N VAL B 127 19.38 9.48 -10.38
CA VAL B 127 18.42 10.00 -9.41
C VAL B 127 19.17 10.42 -8.15
N VAL B 128 18.81 11.58 -7.59
CA VAL B 128 19.27 12.01 -6.27
C VAL B 128 18.03 12.26 -5.41
N LEU B 129 17.94 11.57 -4.26
CA LEU B 129 16.85 11.75 -3.31
C LEU B 129 17.40 12.46 -2.09
N LEU B 130 16.80 13.59 -1.74
CA LEU B 130 17.18 14.34 -0.55
C LEU B 130 16.07 14.17 0.50
N ALA B 131 16.38 13.42 1.57
CA ALA B 131 15.46 13.11 2.66
C ALA B 131 14.09 12.68 2.11
N PRO B 132 14.02 11.67 1.26
CA PRO B 132 12.74 11.35 0.62
C PRO B 132 11.71 10.91 1.65
N ALA B 133 10.49 11.45 1.52
CA ALA B 133 9.50 11.37 2.59
C ALA B 133 8.59 10.16 2.39
N ALA B 134 9.22 8.98 2.28
CA ALA B 134 8.44 7.75 2.15
C ALA B 134 7.60 7.48 3.40
N GLN B 135 7.90 8.15 4.51
CA GLN B 135 7.10 8.09 5.72
C GLN B 135 5.66 8.57 5.53
N LEU B 136 5.37 9.36 4.49
CA LEU B 136 4.03 9.92 4.36
C LEU B 136 2.96 8.84 4.27
N LYS B 137 3.33 7.65 3.78
CA LYS B 137 2.37 6.54 3.72
C LYS B 137 2.07 5.99 5.11
N ASP B 138 3.10 5.77 5.92
CA ASP B 138 2.88 5.35 7.31
C ASP B 138 2.18 6.43 8.12
N ASP B 139 2.54 7.70 7.87
CA ASP B 139 1.85 8.82 8.51
C ASP B 139 0.35 8.77 8.22
N ALA B 140 -0.02 8.50 6.97
CA ALA B 140 -1.43 8.49 6.62
C ALA B 140 -2.15 7.30 7.22
N LEU B 141 -1.44 6.16 7.32
CA LEU B 141 -2.01 4.97 7.93
C LEU B 141 -2.23 5.16 9.42
N ARG B 142 -1.46 6.04 10.05
CA ARG B 142 -1.57 6.31 11.48
C ARG B 142 -2.50 7.46 11.78
N GLY B 143 -2.90 8.24 10.77
CA GLY B 143 -3.80 9.35 11.00
C GLY B 143 -3.13 10.63 11.46
N ASN B 144 -1.84 10.80 11.18
CA ASN B 144 -1.11 11.99 11.64
C ASN B 144 -0.17 12.43 10.51
N THR B 145 -0.55 13.49 9.80
CA THR B 145 0.20 14.01 8.66
C THR B 145 0.73 15.40 9.02
N GLN B 146 1.96 15.44 9.50
CA GLN B 146 2.66 16.68 9.86
C GLN B 146 1.94 17.41 11.00
N GLY B 147 1.61 16.67 12.05
CA GLY B 147 0.97 17.24 13.20
C GLY B 147 -0.53 17.39 13.12
N ALA B 148 -1.11 17.26 11.92
CA ALA B 148 -2.55 17.33 11.75
C ALA B 148 -3.12 15.92 11.87
N THR B 149 -4.08 15.74 12.78
CA THR B 149 -4.61 14.43 13.14
C THR B 149 -6.00 14.24 12.57
N TYR B 150 -6.35 12.99 12.32
CA TYR B 150 -7.62 12.62 11.74
C TYR B 150 -7.77 11.11 11.93
N ASP B 151 -8.99 10.64 11.74
CA ASP B 151 -9.25 9.21 11.85
C ASP B 151 -8.81 8.51 10.57
N PRO B 152 -7.77 7.66 10.61
CA PRO B 152 -7.26 7.05 9.35
C PRO B 152 -8.25 6.12 8.68
N ASN B 153 -9.36 5.80 9.34
CA ASN B 153 -10.39 4.96 8.75
C ASN B 153 -11.67 5.72 8.43
N HIS B 154 -11.75 7.00 8.79
CA HIS B 154 -12.88 7.84 8.42
C HIS B 154 -12.32 9.21 8.02
N ILE B 155 -11.50 9.20 6.96
CA ILE B 155 -10.78 10.39 6.54
C ILE B 155 -11.79 11.42 6.03
N PRO B 156 -11.79 12.62 6.59
CA PRO B 156 -12.74 13.66 6.13
C PRO B 156 -12.44 14.17 4.73
N ASP B 157 -13.31 15.04 4.21
CA ASP B 157 -13.13 15.58 2.86
C ASP B 157 -11.80 16.33 2.72
N VAL B 158 -11.53 17.23 3.67
CA VAL B 158 -10.23 17.90 3.77
C VAL B 158 -9.82 17.88 5.23
N VAL B 159 -8.52 17.97 5.47
CA VAL B 159 -7.96 18.03 6.81
C VAL B 159 -7.16 19.32 6.92
N PRO B 160 -7.49 20.22 7.85
CA PRO B 160 -6.71 21.47 7.98
C PRO B 160 -5.32 21.18 8.51
N LEU B 161 -4.31 21.74 7.83
CA LEU B 161 -2.93 21.58 8.28
C LEU B 161 -2.65 22.53 9.45
N VAL B 162 -1.62 22.20 10.22
CA VAL B 162 -1.26 22.98 11.40
C VAL B 162 0.19 23.44 11.28
N GLY B 163 0.56 24.37 12.14
CA GLY B 163 1.94 24.86 12.16
C GLY B 163 2.20 25.90 11.10
N ASN B 164 3.29 25.71 10.35
CA ASN B 164 3.65 26.64 9.29
C ASN B 164 2.59 26.71 8.21
N ALA B 165 1.90 25.60 7.95
CA ALA B 165 0.94 25.51 6.87
C ALA B 165 -0.49 25.83 7.31
N LEU B 166 -0.67 26.40 8.50
CA LEU B 166 -1.98 26.84 8.95
C LEU B 166 -2.63 27.69 7.86
N GLY B 167 -3.92 27.44 7.61
CA GLY B 167 -4.64 28.03 6.50
C GLY B 167 -4.81 27.10 5.32
N MET B 168 -3.89 26.14 5.15
CA MET B 168 -4.02 25.15 4.09
C MET B 168 -4.77 23.92 4.58
N LYS B 169 -5.44 23.25 3.64
CA LYS B 169 -6.20 22.04 3.90
C LYS B 169 -5.76 20.98 2.91
N VAL B 170 -5.25 19.87 3.41
CA VAL B 170 -4.87 18.76 2.54
C VAL B 170 -6.13 17.98 2.18
N GLY B 171 -6.18 17.48 0.94
CA GLY B 171 -7.35 16.74 0.50
C GLY B 171 -7.44 15.37 1.14
N GLY B 172 -8.67 14.93 1.40
CA GLY B 172 -8.86 13.57 1.89
C GLY B 172 -8.38 12.53 0.90
N PHE B 173 -8.49 12.83 -0.40
CA PHE B 173 -8.00 11.89 -1.41
C PHE B 173 -6.48 11.81 -1.38
N TYR B 174 -5.78 12.88 -0.98
CA TYR B 174 -4.34 12.78 -0.76
C TYR B 174 -4.03 11.75 0.32
N LEU B 175 -4.72 11.83 1.45
CA LEU B 175 -4.48 10.91 2.55
C LEU B 175 -4.88 9.49 2.17
N ARG B 176 -5.99 9.32 1.46
CA ARG B 176 -6.46 7.98 1.13
C ARG B 176 -5.51 7.28 0.16
N THR B 177 -5.07 7.98 -0.90
CA THR B 177 -4.12 7.34 -1.82
C THR B 177 -2.75 7.15 -1.15
N ALA B 178 -2.36 8.07 -0.27
CA ALA B 178 -1.08 7.94 0.43
C ALA B 178 -1.02 6.62 1.19
N GLN B 179 -2.14 6.18 1.76
CA GLN B 179 -2.18 4.96 2.57
C GLN B 179 -1.84 3.71 1.76
N VAL B 180 -2.07 3.73 0.45
CA VAL B 180 -1.88 2.53 -0.37
C VAL B 180 -0.80 2.72 -1.42
N LEU B 181 -0.03 3.80 -1.34
CA LEU B 181 0.96 4.12 -2.38
C LEU B 181 2.10 3.09 -2.37
N PRO B 182 2.35 2.39 -3.47
CA PRO B 182 3.44 1.40 -3.51
C PRO B 182 4.82 2.02 -3.76
N ILE B 183 5.26 2.83 -2.79
CA ILE B 183 6.45 3.69 -2.95
C ILE B 183 7.68 2.85 -3.29
N TYR B 184 8.02 1.90 -2.42
CA TYR B 184 9.26 1.16 -2.59
C TYR B 184 9.15 0.14 -3.73
N GLU B 185 7.99 -0.51 -3.87
CA GLU B 185 7.81 -1.49 -4.94
C GLU B 185 8.05 -0.86 -6.32
N VAL B 186 7.49 0.33 -6.55
CA VAL B 186 7.67 0.97 -7.85
C VAL B 186 9.09 1.53 -7.97
N SER B 187 9.58 2.16 -6.90
CA SER B 187 10.90 2.79 -6.95
C SER B 187 12.02 1.78 -7.23
N GLN B 188 11.95 0.58 -6.61
CA GLN B 188 12.97 -0.46 -6.78
C GLN B 188 13.20 -0.83 -8.23
N ARG B 189 12.24 -0.54 -9.10
CA ARG B 189 12.39 -0.88 -10.51
C ARG B 189 13.52 -0.11 -11.16
N PHE B 190 14.00 0.97 -10.52
CA PHE B 190 15.09 1.78 -11.07
C PHE B 190 16.41 1.15 -10.66
N THR B 191 17.16 0.63 -11.64
CA THR B 191 18.41 -0.05 -11.37
C THR B 191 19.65 0.79 -11.71
N ARG B 192 19.46 2.01 -12.20
CA ARG B 192 20.55 2.91 -12.52
C ARG B 192 21.00 3.66 -11.27
N PRO B 193 22.10 4.44 -11.36
CA PRO B 193 22.68 5.03 -10.15
C PRO B 193 21.73 5.96 -9.39
N VAL B 194 21.63 5.73 -8.09
CA VAL B 194 20.87 6.57 -7.17
C VAL B 194 21.80 7.04 -6.06
N SER B 195 21.67 8.31 -5.68
CA SER B 195 22.31 8.82 -4.47
C SER B 195 21.23 9.27 -3.51
N VAL B 196 21.27 8.76 -2.28
CA VAL B 196 20.30 9.08 -1.24
C VAL B 196 21.00 9.93 -0.19
N ILE B 197 20.44 11.12 0.10
CA ILE B 197 21.05 12.09 1.00
C ILE B 197 20.04 12.40 2.11
N ALA B 198 20.49 12.28 3.36
CA ALA B 198 19.59 12.48 4.50
C ALA B 198 20.42 12.90 5.71
N GLY B 199 19.79 13.70 6.59
CA GLY B 199 20.45 14.14 7.81
C GLY B 199 20.16 13.21 8.97
N THR B 200 21.17 13.03 9.85
CA THR B 200 20.99 12.11 10.98
C THR B 200 20.00 12.64 12.01
N ASN B 201 19.85 13.96 12.13
CA ASN B 201 18.88 14.54 13.04
C ASN B 201 17.58 14.94 12.34
N ASP B 202 17.25 14.25 11.24
CA ASP B 202 15.99 14.48 10.56
C ASP B 202 14.84 14.01 11.43
N GLN B 203 13.86 14.90 11.64
CA GLN B 203 12.71 14.59 12.47
C GLN B 203 11.37 14.68 11.76
N VAL B 204 11.33 15.15 10.52
CA VAL B 204 10.14 14.99 9.72
C VAL B 204 10.07 13.56 9.18
N VAL B 205 11.22 12.98 8.84
CA VAL B 205 11.28 11.68 8.19
C VAL B 205 12.35 10.85 8.88
N ASP B 206 11.95 9.70 9.39
CA ASP B 206 12.86 8.77 10.04
C ASP B 206 13.96 8.36 9.07
N PRO B 207 15.24 8.55 9.40
CA PRO B 207 16.32 8.14 8.49
C PRO B 207 16.26 6.68 8.06
N LYS B 208 15.47 5.85 8.73
CA LYS B 208 15.29 4.46 8.30
C LYS B 208 14.67 4.37 6.91
N TYR B 209 13.88 5.37 6.51
CA TYR B 209 13.31 5.35 5.17
C TYR B 209 14.38 5.60 4.10
N ALA B 210 15.30 6.54 4.36
CA ALA B 210 16.43 6.71 3.45
C ALA B 210 17.26 5.43 3.39
N LYS B 211 17.48 4.78 4.54
CA LYS B 211 18.25 3.54 4.56
C LYS B 211 17.54 2.44 3.77
N LYS B 212 16.21 2.38 3.87
CA LYS B 212 15.47 1.38 3.11
C LYS B 212 15.61 1.61 1.61
N TYR B 213 15.60 2.87 1.18
CA TYR B 213 15.85 3.16 -0.24
C TYR B 213 17.19 2.57 -0.68
N ASP B 214 18.27 2.94 0.03
CA ASP B 214 19.59 2.41 -0.30
C ASP B 214 19.60 0.89 -0.30
N GLU B 215 18.84 0.26 0.59
CA GLU B 215 18.84 -1.20 0.68
C GLU B 215 18.14 -1.83 -0.52
N VAL B 216 16.99 -1.29 -0.95
CA VAL B 216 16.26 -1.87 -2.08
C VAL B 216 16.86 -1.53 -3.45
N TYR B 217 17.59 -0.43 -3.58
CA TYR B 217 18.16 -0.05 -4.87
C TYR B 217 19.35 -0.95 -5.23
N GLU B 218 19.36 -1.47 -6.47
CA GLU B 218 20.49 -2.27 -6.91
C GLU B 218 21.79 -1.48 -6.91
N ASN B 219 21.72 -0.18 -7.25
CA ASN B 219 22.93 0.60 -7.51
C ASN B 219 22.77 1.99 -6.88
N SER B 220 23.10 2.09 -5.59
CA SER B 220 22.89 3.32 -4.84
C SER B 220 24.04 3.57 -3.87
N GLU B 221 24.11 4.81 -3.40
CA GLU B 221 24.99 5.23 -2.33
C GLU B 221 24.16 5.99 -1.33
N LEU B 222 24.52 5.87 -0.06
CA LEU B 222 23.83 6.57 1.02
C LEU B 222 24.79 7.57 1.65
N HIS B 223 24.34 8.83 1.75
CA HIS B 223 25.10 9.90 2.40
C HIS B 223 24.27 10.43 3.56
N MET B 224 24.60 10.00 4.78
CA MET B 224 23.96 10.50 6.00
C MET B 224 24.79 11.67 6.52
N ILE B 225 24.30 12.89 6.32
CA ILE B 225 25.03 14.09 6.76
C ILE B 225 24.89 14.21 8.26
N PRO B 226 25.99 14.20 9.02
CA PRO B 226 25.88 14.27 10.48
C PRO B 226 25.22 15.57 10.93
N ASN B 227 24.22 15.43 11.82
CA ASN B 227 23.53 16.51 12.53
C ASN B 227 22.59 17.30 11.65
N ALA B 228 22.51 17.02 10.35
CA ALA B 228 21.63 17.79 9.48
C ALA B 228 20.17 17.47 9.79
N ASP B 229 19.32 18.47 9.58
CA ASP B 229 17.88 18.36 9.78
C ASP B 229 17.20 17.99 8.46
N HIS B 230 15.86 18.11 8.43
CA HIS B 230 15.10 17.67 7.26
C HIS B 230 15.17 18.67 6.12
N ARG B 231 15.12 19.96 6.44
CA ARG B 231 15.19 21.03 5.46
C ARG B 231 16.61 21.26 4.94
N PHE B 232 17.63 20.69 5.58
CA PHE B 232 19.03 21.05 5.35
C PHE B 232 19.21 22.55 5.47
N SER B 233 19.01 23.02 6.70
CA SER B 233 19.08 24.44 6.99
C SER B 233 20.53 24.88 7.18
N GLY B 234 20.73 26.20 7.19
CA GLY B 234 22.04 26.74 7.50
C GLY B 234 23.15 26.18 6.63
N GLY B 235 24.21 25.70 7.28
CA GLY B 235 25.36 25.17 6.56
C GLY B 235 25.13 23.81 5.91
N TYR B 236 24.07 23.10 6.33
CA TYR B 236 23.77 21.81 5.72
C TYR B 236 23.23 21.95 4.30
N LYS B 237 22.68 23.12 3.95
CA LYS B 237 22.19 23.33 2.59
C LYS B 237 23.29 23.12 1.57
N ASP B 238 24.44 23.76 1.76
CA ASP B 238 25.52 23.63 0.79
C ASP B 238 26.07 22.21 0.76
N MET B 239 26.12 21.53 1.91
CA MET B 239 26.61 20.15 1.88
C MET B 239 25.65 19.24 1.13
N ALA B 240 24.34 19.45 1.26
CA ALA B 240 23.39 18.64 0.50
C ALA B 240 23.44 18.98 -0.98
N ALA B 241 23.54 20.27 -1.33
CA ALA B 241 23.61 20.66 -2.73
C ALA B 241 24.93 20.22 -3.36
N ASP B 242 26.02 20.20 -2.58
CA ASP B 242 27.32 19.77 -3.09
C ASP B 242 27.28 18.28 -3.42
N LEU B 243 26.74 17.48 -2.49
CA LEU B 243 26.62 16.04 -2.73
C LEU B 243 25.73 15.76 -3.94
N THR B 244 24.71 16.58 -4.14
CA THR B 244 23.84 16.42 -5.30
C THR B 244 24.60 16.73 -6.59
N ALA B 245 25.29 17.88 -6.64
CA ALA B 245 26.09 18.21 -7.81
C ALA B 245 27.18 17.18 -8.06
N GLN B 246 27.83 16.71 -6.99
CA GLN B 246 28.89 15.72 -7.13
C GLN B 246 28.39 14.47 -7.85
N PHE B 247 27.21 13.98 -7.47
CA PHE B 247 26.68 12.75 -8.09
C PHE B 247 26.36 12.96 -9.56
N LEU B 248 25.92 14.16 -9.94
CA LEU B 248 25.45 14.43 -11.28
C LEU B 248 26.49 15.12 -12.16
N LYS B 249 27.74 15.22 -11.67
CA LYS B 249 28.80 15.90 -12.39
C LYS B 249 29.12 15.17 -13.69
N PRO B 250 29.31 15.90 -14.80
CA PRO B 250 29.55 15.23 -16.10
C PRO B 250 30.82 14.37 -16.18
N ALA B 251 31.84 14.59 -15.34
CA ALA B 251 33.04 13.74 -15.31
C ALA B 251 34.05 14.04 -16.42
N PHE B 252 34.33 15.32 -16.67
CA PHE B 252 35.30 15.64 -17.70
C PHE B 252 36.70 15.30 -17.21
N SER C 1 -30.68 14.81 -23.03
CA SER C 1 -30.17 16.18 -22.99
C SER C 1 -30.61 16.93 -21.72
N MET C 2 -31.83 16.75 -21.21
CA MET C 2 -32.06 17.15 -19.83
C MET C 2 -31.18 16.35 -18.88
N SER C 3 -30.86 15.11 -19.25
CA SER C 3 -30.04 14.27 -18.38
C SER C 3 -28.57 14.70 -18.37
N ARG C 4 -28.15 15.52 -19.34
CA ARG C 4 -26.75 15.91 -19.46
C ARG C 4 -26.29 16.72 -18.24
N ILE C 5 -25.13 16.32 -17.68
CA ILE C 5 -24.48 17.04 -16.60
C ILE C 5 -23.00 17.08 -16.90
N THR C 6 -22.30 18.02 -16.27
CA THR C 6 -20.85 18.09 -16.40
C THR C 6 -20.22 18.45 -15.07
N ILE C 7 -18.97 18.01 -14.87
CA ILE C 7 -18.16 18.39 -13.72
C ILE C 7 -16.72 18.63 -14.19
N GLU C 8 -15.92 19.25 -13.32
CA GLU C 8 -14.52 19.54 -13.61
C GLU C 8 -13.63 18.66 -12.75
N ARG C 9 -12.51 18.23 -13.33
CA ARG C 9 -11.44 17.55 -12.60
C ARG C 9 -10.13 18.05 -13.18
N ASP C 10 -9.31 18.71 -12.37
CA ASP C 10 -8.05 19.32 -12.83
C ASP C 10 -8.27 20.14 -14.10
N GLY C 11 -9.32 20.93 -14.18
CA GLY C 11 -9.36 21.70 -15.41
C GLY C 11 -9.78 20.96 -16.66
N LEU C 12 -10.17 19.70 -16.57
CA LEU C 12 -10.89 19.00 -17.63
C LEU C 12 -12.37 18.96 -17.32
N THR C 13 -13.20 19.09 -18.34
CA THR C 13 -14.63 18.90 -18.20
C THR C 13 -14.98 17.43 -18.47
N LEU C 14 -15.68 16.81 -17.53
CA LEU C 14 -16.22 15.47 -17.72
C LEU C 14 -17.72 15.57 -17.99
N VAL C 15 -18.18 14.88 -19.03
CA VAL C 15 -19.57 14.91 -19.45
C VAL C 15 -20.24 13.60 -19.06
N GLY C 16 -21.45 13.70 -18.49
CA GLY C 16 -22.18 12.54 -18.05
C GLY C 16 -23.68 12.70 -18.29
N ASP C 17 -24.41 11.62 -17.99
CA ASP C 17 -25.86 11.59 -18.02
C ASP C 17 -26.36 11.12 -16.66
N ARG C 18 -27.32 11.86 -16.11
CA ARG C 18 -27.94 11.55 -14.82
C ARG C 18 -29.35 11.05 -15.07
N GLU C 19 -29.72 9.94 -14.43
CA GLU C 19 -31.09 9.47 -14.38
C GLU C 19 -31.51 9.38 -12.91
N GLU C 20 -32.80 9.63 -12.66
CA GLU C 20 -33.24 9.59 -11.29
C GLU C 20 -34.73 9.26 -11.23
N PRO C 21 -35.16 8.53 -10.21
CA PRO C 21 -36.59 8.23 -10.06
C PRO C 21 -37.31 9.43 -9.47
N PHE C 22 -38.63 9.33 -9.41
CA PHE C 22 -39.41 10.35 -8.73
C PHE C 22 -39.15 10.30 -7.23
N GLY C 23 -39.10 11.46 -6.60
CA GLY C 23 -38.97 11.52 -5.17
C GLY C 23 -37.85 12.43 -4.73
N GLU C 24 -37.73 12.58 -3.43
CA GLU C 24 -36.75 13.50 -2.85
C GLU C 24 -35.52 12.80 -2.28
N ILE C 25 -35.57 11.50 -2.02
CA ILE C 25 -34.44 10.75 -1.46
C ILE C 25 -34.30 9.46 -2.24
N TYR C 26 -33.07 9.14 -2.67
CA TYR C 26 -32.84 7.92 -3.43
C TYR C 26 -31.37 7.54 -3.34
N ASP C 27 -31.10 6.24 -3.45
CA ASP C 27 -29.72 5.82 -3.61
C ASP C 27 -29.23 6.20 -5.02
N MET C 28 -27.93 6.10 -5.24
CA MET C 28 -27.37 6.46 -6.54
C MET C 28 -26.14 5.64 -6.87
N ALA C 29 -26.12 5.10 -8.08
CA ALA C 29 -24.99 4.35 -8.59
C ALA C 29 -24.16 5.22 -9.54
N ILE C 30 -22.83 5.09 -9.44
CA ILE C 30 -21.92 5.64 -10.42
C ILE C 30 -21.51 4.50 -11.35
N ILE C 31 -21.82 4.65 -12.64
CA ILE C 31 -21.67 3.59 -13.64
C ILE C 31 -20.48 3.93 -14.55
N MET C 32 -19.49 3.05 -14.62
CA MET C 32 -18.25 3.37 -15.31
C MET C 32 -17.99 2.45 -16.49
N HIS C 33 -17.65 3.04 -17.63
CA HIS C 33 -17.42 2.33 -18.88
C HIS C 33 -15.96 1.93 -18.98
N GLY C 34 -15.64 1.15 -20.02
CA GLY C 34 -14.35 0.53 -20.18
C GLY C 34 -13.43 1.20 -21.19
N PHE C 35 -12.33 0.50 -21.49
CA PHE C 35 -11.26 1.01 -22.34
C PHE C 35 -11.77 1.23 -23.78
N THR C 36 -11.66 2.47 -24.26
CA THR C 36 -12.15 2.95 -25.57
C THR C 36 -13.68 2.96 -25.70
N ALA C 37 -14.43 2.69 -24.64
CA ALA C 37 -15.88 2.72 -24.73
C ALA C 37 -16.38 4.12 -24.36
N ASN C 38 -17.65 4.24 -24.04
CA ASN C 38 -18.21 5.52 -23.61
C ASN C 38 -19.40 5.26 -22.71
N ARG C 39 -19.93 6.33 -22.13
CA ARG C 39 -20.95 6.22 -21.11
C ARG C 39 -22.29 5.71 -21.63
N ASN C 40 -22.47 5.58 -22.95
CA ASN C 40 -23.80 5.28 -23.51
C ASN C 40 -23.82 3.96 -24.28
N THR C 41 -22.97 3.00 -23.92
CA THR C 41 -23.13 1.65 -24.42
C THR C 41 -24.48 1.09 -24.00
N ASP C 42 -24.93 0.06 -24.72
CA ASP C 42 -26.22 -0.57 -24.43
C ASP C 42 -26.28 -1.09 -22.99
N LEU C 43 -25.19 -1.75 -22.53
CA LEU C 43 -25.21 -2.35 -21.20
C LEU C 43 -25.37 -1.28 -20.12
N LEU C 44 -24.58 -0.21 -20.20
CA LEU C 44 -24.65 0.83 -19.18
C LEU C 44 -26.02 1.51 -19.18
N ARG C 45 -26.55 1.80 -20.36
CA ARG C 45 -27.89 2.39 -20.40
C ARG C 45 -28.92 1.44 -19.81
N GLN C 46 -28.81 0.14 -20.12
CA GLN C 46 -29.76 -0.81 -19.56
C GLN C 46 -29.68 -0.86 -18.04
N ILE C 47 -28.45 -0.86 -17.49
CA ILE C 47 -28.31 -0.82 -16.04
C ILE C 47 -28.97 0.42 -15.48
N ALA C 48 -28.69 1.59 -16.08
CA ALA C 48 -29.27 2.83 -15.60
C ALA C 48 -30.79 2.78 -15.60
N ASP C 49 -31.38 2.30 -16.70
CA ASP C 49 -32.84 2.24 -16.78
C ASP C 49 -33.41 1.25 -15.77
N ASP C 50 -32.79 0.06 -15.65
CA ASP C 50 -33.26 -0.92 -14.67
C ASP C 50 -33.18 -0.36 -13.25
N LEU C 51 -32.13 0.41 -12.95
CA LEU C 51 -31.99 0.96 -11.61
C LEU C 51 -33.06 2.01 -11.34
N ARG C 52 -33.34 2.84 -12.34
CA ARG C 52 -34.36 3.88 -12.19
C ARG C 52 -35.73 3.28 -11.89
N ASP C 53 -36.08 2.20 -12.57
CA ASP C 53 -37.34 1.50 -12.31
C ASP C 53 -37.41 0.95 -10.91
N GLU C 54 -36.27 0.86 -10.22
CA GLU C 54 -36.13 0.33 -8.87
C GLU C 54 -35.99 1.43 -7.82
N ASN C 55 -36.16 2.70 -8.21
CA ASN C 55 -36.00 3.84 -7.32
C ASN C 55 -34.54 4.17 -7.04
N VAL C 56 -33.61 3.76 -7.91
CA VAL C 56 -32.17 4.03 -7.72
C VAL C 56 -31.68 4.93 -8.84
N ALA C 57 -31.22 6.13 -8.48
CA ALA C 57 -30.67 7.06 -9.47
C ALA C 57 -29.27 6.60 -9.89
N SER C 58 -28.78 7.21 -10.97
CA SER C 58 -27.46 6.86 -11.48
C SER C 58 -26.87 8.03 -12.24
N VAL C 59 -25.54 8.09 -12.25
CA VAL C 59 -24.80 8.95 -13.16
C VAL C 59 -23.83 8.06 -13.92
N ARG C 60 -23.63 8.36 -15.20
CA ARG C 60 -22.62 7.68 -15.99
C ARG C 60 -21.88 8.76 -16.78
N PHE C 61 -20.58 8.84 -16.56
CA PHE C 61 -19.73 9.87 -17.15
C PHE C 61 -18.79 9.24 -18.17
N ASP C 62 -18.44 10.02 -19.19
CA ASP C 62 -17.31 9.68 -20.03
C ASP C 62 -16.02 9.96 -19.28
N PHE C 63 -15.15 8.96 -19.18
CA PHE C 63 -13.83 9.21 -18.61
C PHE C 63 -13.05 10.16 -19.49
N ASN C 64 -12.05 10.84 -18.88
CA ASN C 64 -11.20 11.72 -19.66
C ASN C 64 -10.64 10.99 -20.87
N GLY C 65 -10.49 11.71 -21.97
CA GLY C 65 -10.01 11.11 -23.20
C GLY C 65 -11.01 10.22 -23.91
N HIS C 66 -12.27 10.20 -23.47
CA HIS C 66 -13.31 9.37 -24.03
C HIS C 66 -14.57 10.18 -24.30
N GLY C 67 -15.32 9.76 -25.31
CA GLY C 67 -16.66 10.29 -25.52
C GLY C 67 -16.66 11.79 -25.71
N GLU C 68 -17.49 12.47 -24.92
CA GLU C 68 -17.62 13.93 -25.00
C GLU C 68 -16.74 14.66 -23.99
N SER C 69 -16.02 13.93 -23.13
CA SER C 69 -15.22 14.57 -22.10
C SER C 69 -13.92 15.11 -22.68
N ASP C 70 -13.33 16.07 -21.97
CA ASP C 70 -12.06 16.66 -22.37
C ASP C 70 -10.90 15.67 -22.26
N GLY C 71 -9.76 16.08 -22.80
CA GLY C 71 -8.48 15.39 -22.78
C GLY C 71 -8.28 14.46 -23.96
N LYS C 72 -7.02 14.24 -24.31
CA LYS C 72 -6.72 13.25 -25.35
C LYS C 72 -6.71 11.85 -24.78
N PHE C 73 -7.14 10.88 -25.61
CA PHE C 73 -7.19 9.50 -25.16
C PHE C 73 -5.80 9.01 -24.74
N GLU C 74 -4.76 9.48 -25.42
CA GLU C 74 -3.41 9.05 -25.08
C GLU C 74 -2.90 9.64 -23.76
N ASP C 75 -3.62 10.60 -23.17
CA ASP C 75 -3.24 11.13 -21.86
C ASP C 75 -4.04 10.48 -20.74
N MET C 76 -4.85 9.48 -21.05
CA MET C 76 -5.61 8.76 -20.04
C MET C 76 -4.77 7.65 -19.40
N THR C 77 -4.89 7.52 -18.08
CA THR C 77 -4.35 6.38 -17.34
C THR C 77 -5.46 5.80 -16.46
N VAL C 78 -5.28 4.56 -15.99
CA VAL C 78 -6.22 4.06 -14.99
C VAL C 78 -6.21 4.98 -13.78
N CYS C 79 -5.03 5.49 -13.42
CA CYS C 79 -4.90 6.36 -12.25
C CYS C 79 -5.72 7.63 -12.38
N ASN C 80 -5.67 8.31 -13.55
CA ASN C 80 -6.48 9.52 -13.65
C ASN C 80 -7.94 9.22 -13.96
N GLU C 81 -8.26 8.00 -14.42
CA GLU C 81 -9.65 7.59 -14.42
C GLU C 81 -10.19 7.40 -13.00
N ILE C 82 -9.34 6.95 -12.07
CA ILE C 82 -9.75 6.85 -10.67
C ILE C 82 -9.99 8.25 -10.10
N ALA C 83 -9.13 9.21 -10.45
CA ALA C 83 -9.33 10.60 -10.07
C ALA C 83 -10.60 11.18 -10.68
N ASP C 84 -10.90 10.84 -11.94
CA ASP C 84 -12.22 11.15 -12.47
C ASP C 84 -13.30 10.58 -11.55
N GLY C 85 -13.16 9.29 -11.21
CA GLY C 85 -14.14 8.65 -10.34
C GLY C 85 -14.30 9.39 -9.02
N LYS C 86 -13.19 9.90 -8.47
CA LYS C 86 -13.27 10.62 -7.19
C LYS C 86 -14.04 11.93 -7.35
N ALA C 87 -13.81 12.64 -8.46
CA ALA C 87 -14.59 13.86 -8.73
C ALA C 87 -16.06 13.55 -8.85
N ILE C 88 -16.40 12.45 -9.53
CA ILE C 88 -17.81 12.06 -9.64
C ILE C 88 -18.37 11.71 -8.27
N LEU C 89 -17.57 11.03 -7.43
CA LEU C 89 -18.02 10.71 -6.09
C LEU C 89 -18.29 11.98 -5.27
N ASP C 90 -17.42 13.00 -5.40
CA ASP C 90 -17.70 14.29 -4.75
C ASP C 90 -19.02 14.87 -5.22
N TYR C 91 -19.26 14.86 -6.53
CA TYR C 91 -20.52 15.37 -7.07
C TYR C 91 -21.71 14.63 -6.45
N VAL C 92 -21.63 13.30 -6.39
CA VAL C 92 -22.76 12.52 -5.89
C VAL C 92 -22.90 12.70 -4.37
N HIS C 93 -21.77 12.77 -3.66
CA HIS C 93 -21.81 12.76 -2.20
C HIS C 93 -22.34 14.07 -1.64
N THR C 94 -22.14 15.18 -2.34
CA THR C 94 -22.68 16.45 -1.89
C THR C 94 -24.08 16.75 -2.43
N ASP C 95 -24.66 15.87 -3.23
CA ASP C 95 -26.03 16.05 -3.69
C ASP C 95 -27.00 15.78 -2.54
N PRO C 96 -27.88 16.72 -2.17
CA PRO C 96 -28.72 16.50 -0.98
C PRO C 96 -29.77 15.43 -1.16
N HIS C 97 -30.06 15.01 -2.39
CA HIS C 97 -31.05 13.97 -2.58
C HIS C 97 -30.51 12.56 -2.34
N VAL C 98 -29.20 12.39 -2.28
CA VAL C 98 -28.61 11.06 -2.39
C VAL C 98 -28.47 10.41 -1.02
N ARG C 99 -28.85 9.15 -0.92
CA ARG C 99 -28.67 8.37 0.30
C ARG C 99 -27.42 7.50 0.17
N ASP C 100 -27.57 6.23 -0.19
CA ASP C 100 -26.42 5.33 -0.34
C ASP C 100 -25.84 5.44 -1.75
N ILE C 101 -24.53 5.24 -1.84
CA ILE C 101 -23.76 5.39 -3.08
C ILE C 101 -23.21 4.03 -3.48
N PHE C 102 -23.45 3.66 -4.74
CA PHE C 102 -23.02 2.39 -5.30
C PHE C 102 -22.02 2.66 -6.44
N LEU C 103 -21.13 1.70 -6.68
CA LEU C 103 -20.22 1.76 -7.82
C LEU C 103 -20.47 0.57 -8.73
N VAL C 104 -20.60 0.83 -10.03
CA VAL C 104 -20.83 -0.19 -11.04
C VAL C 104 -19.85 0.03 -12.19
N GLY C 105 -19.12 -1.01 -12.57
CA GLY C 105 -18.07 -0.86 -13.57
C GLY C 105 -17.97 -2.05 -14.50
N HIS C 106 -17.91 -1.81 -15.80
CA HIS C 106 -17.74 -2.86 -16.79
C HIS C 106 -16.31 -2.84 -17.33
N SER C 107 -15.66 -4.01 -17.33
CA SER C 107 -14.35 -4.19 -17.97
C SER C 107 -13.37 -3.25 -17.29
N GLN C 108 -12.64 -2.38 -18.00
CA GLN C 108 -11.71 -1.49 -17.30
C GLN C 108 -12.44 -0.60 -16.30
N GLY C 109 -13.70 -0.22 -16.59
CA GLY C 109 -14.47 0.50 -15.60
C GLY C 109 -14.66 -0.29 -14.31
N GLY C 110 -14.66 -1.62 -14.40
CA GLY C 110 -14.71 -2.44 -13.20
C GLY C 110 -13.45 -2.37 -12.38
N VAL C 111 -12.29 -2.24 -13.04
CA VAL C 111 -11.05 -2.01 -12.32
C VAL C 111 -11.09 -0.65 -11.64
N VAL C 112 -11.50 0.39 -12.36
CA VAL C 112 -11.59 1.72 -11.78
C VAL C 112 -12.55 1.71 -10.60
N ALA C 113 -13.73 1.10 -10.79
CA ALA C 113 -14.69 1.04 -9.71
C ALA C 113 -14.16 0.27 -8.51
N SER C 114 -13.48 -0.86 -8.76
CA SER C 114 -13.04 -1.68 -7.63
C SER C 114 -11.95 -0.97 -6.83
N MET C 115 -11.09 -0.21 -7.50
CA MET C 115 -10.02 0.49 -6.78
C MET C 115 -10.54 1.75 -6.07
N LEU C 116 -11.46 2.48 -6.70
CA LEU C 116 -12.06 3.63 -6.02
C LEU C 116 -12.81 3.19 -4.78
N ALA C 117 -13.52 2.06 -4.87
CA ALA C 117 -14.21 1.54 -3.69
C ALA C 117 -13.21 1.17 -2.61
N GLY C 118 -12.05 0.63 -2.99
CA GLY C 118 -11.02 0.34 -1.99
C GLY C 118 -10.47 1.58 -1.33
N LEU C 119 -10.52 2.71 -2.03
CA LEU C 119 -10.02 3.97 -1.50
C LEU C 119 -11.06 4.66 -0.65
N TYR C 120 -12.35 4.37 -0.90
CA TYR C 120 -13.48 4.94 -0.16
C TYR C 120 -14.36 3.83 0.42
N PRO C 121 -13.78 2.91 1.21
CA PRO C 121 -14.56 1.77 1.70
C PRO C 121 -15.52 2.12 2.83
N ASP C 122 -15.33 3.28 3.46
CA ASP C 122 -16.19 3.83 4.50
C ASP C 122 -17.31 4.70 3.93
N VAL C 123 -17.40 4.83 2.60
CA VAL C 123 -18.38 5.71 1.95
C VAL C 123 -19.23 4.91 0.97
N VAL C 124 -18.60 4.29 -0.03
CA VAL C 124 -19.31 3.42 -0.96
C VAL C 124 -19.96 2.27 -0.19
N LYS C 125 -21.24 2.01 -0.47
CA LYS C 125 -22.05 1.02 0.22
C LYS C 125 -22.02 -0.35 -0.45
N LYS C 126 -22.00 -0.38 -1.78
CA LYS C 126 -22.06 -1.62 -2.55
C LYS C 126 -21.34 -1.43 -3.88
N VAL C 127 -20.84 -2.52 -4.43
CA VAL C 127 -20.12 -2.49 -5.70
C VAL C 127 -20.63 -3.63 -6.59
N VAL C 128 -20.77 -3.35 -7.88
CA VAL C 128 -21.00 -4.40 -8.88
C VAL C 128 -19.92 -4.30 -9.94
N LEU C 129 -19.25 -5.41 -10.20
CA LEU C 129 -18.21 -5.49 -11.20
C LEU C 129 -18.70 -6.39 -12.32
N LEU C 130 -18.74 -5.87 -13.56
CA LEU C 130 -19.14 -6.66 -14.72
C LEU C 130 -17.90 -6.93 -15.55
N ALA C 131 -17.50 -8.20 -15.62
CA ALA C 131 -16.32 -8.65 -16.36
C ALA C 131 -15.12 -7.73 -16.11
N PRO C 132 -14.76 -7.45 -14.85
CA PRO C 132 -13.71 -6.46 -14.59
C PRO C 132 -12.38 -6.87 -15.22
N ALA C 133 -11.75 -5.92 -15.90
CA ALA C 133 -10.59 -6.22 -16.73
C ALA C 133 -9.28 -6.11 -15.92
N ALA C 134 -9.19 -6.91 -14.87
CA ALA C 134 -7.94 -6.91 -14.11
C ALA C 134 -6.78 -7.51 -14.89
N GLN C 135 -7.05 -8.15 -16.03
CA GLN C 135 -6.02 -8.64 -16.92
C GLN C 135 -5.17 -7.52 -17.52
N LEU C 136 -5.62 -6.26 -17.43
CA LEU C 136 -4.89 -5.19 -18.12
C LEU C 136 -3.46 -5.04 -17.59
N LYS C 137 -3.23 -5.45 -16.34
CA LYS C 137 -1.89 -5.38 -15.78
C LYS C 137 -0.97 -6.43 -16.41
N ASP C 138 -1.39 -7.71 -16.37
CA ASP C 138 -0.62 -8.78 -17.01
C ASP C 138 -0.49 -8.53 -18.52
N ASP C 139 -1.54 -8.00 -19.16
CA ASP C 139 -1.44 -7.61 -20.57
C ASP C 139 -0.31 -6.61 -20.78
N ALA C 140 -0.23 -5.59 -19.93
CA ALA C 140 0.83 -4.60 -20.07
C ALA C 140 2.21 -5.18 -19.72
N LEU C 141 2.27 -6.13 -18.79
CA LEU C 141 3.56 -6.72 -18.42
C LEU C 141 4.11 -7.62 -19.53
N ARG C 142 3.24 -8.23 -20.31
CA ARG C 142 3.65 -9.10 -21.41
C ARG C 142 3.72 -8.38 -22.76
N GLY C 143 3.32 -7.10 -22.82
CA GLY C 143 3.46 -6.35 -24.05
C GLY C 143 2.38 -6.58 -25.09
N ASN C 144 1.15 -6.85 -24.67
CA ASN C 144 0.05 -7.04 -25.61
C ASN C 144 -1.19 -6.43 -24.99
N THR C 145 -1.60 -5.27 -25.51
CA THR C 145 -2.76 -4.54 -25.01
C THR C 145 -3.82 -4.53 -26.10
N GLN C 146 -4.79 -5.44 -25.98
CA GLN C 146 -5.91 -5.55 -26.91
C GLN C 146 -5.43 -5.72 -28.34
N GLY C 147 -4.47 -6.63 -28.53
CA GLY C 147 -3.93 -6.91 -29.84
C GLY C 147 -2.74 -6.06 -30.24
N ALA C 148 -2.57 -4.87 -29.68
CA ALA C 148 -1.41 -4.05 -30.02
C ALA C 148 -0.21 -4.52 -29.22
N THR C 149 0.93 -4.69 -29.88
CA THR C 149 2.11 -5.25 -29.23
C THR C 149 3.21 -4.21 -29.17
N TYR C 150 4.11 -4.41 -28.21
CA TYR C 150 5.20 -3.48 -27.92
C TYR C 150 6.15 -4.19 -26.98
N ASP C 151 7.36 -3.67 -26.90
CA ASP C 151 8.33 -4.16 -25.93
C ASP C 151 7.94 -3.69 -24.52
N PRO C 152 7.62 -4.59 -23.59
CA PRO C 152 7.17 -4.15 -22.26
C PRO C 152 8.27 -3.54 -21.41
N ASN C 153 9.54 -3.63 -21.81
CA ASN C 153 10.63 -2.96 -21.11
C ASN C 153 11.20 -1.78 -21.89
N HIS C 154 10.62 -1.43 -23.03
CA HIS C 154 10.98 -0.22 -23.76
C HIS C 154 9.70 0.35 -24.36
N ILE C 155 8.78 0.75 -23.49
CA ILE C 155 7.45 1.17 -23.95
C ILE C 155 7.56 2.49 -24.69
N PRO C 156 7.05 2.59 -25.92
CA PRO C 156 7.17 3.84 -26.67
C PRO C 156 6.25 4.91 -26.12
N ASP C 157 6.46 6.14 -26.61
CA ASP C 157 5.69 7.30 -26.17
C ASP C 157 4.18 7.04 -26.25
N VAL C 158 3.74 6.43 -27.36
CA VAL C 158 2.36 6.01 -27.56
C VAL C 158 2.42 4.70 -28.31
N VAL C 159 1.34 3.93 -28.24
CA VAL C 159 1.22 2.67 -28.94
C VAL C 159 -0.06 2.69 -29.77
N PRO C 160 0.01 2.61 -31.10
CA PRO C 160 -1.20 2.61 -31.92
C PRO C 160 -2.04 1.37 -31.62
N LEU C 161 -3.33 1.60 -31.39
CA LEU C 161 -4.23 0.48 -31.18
C LEU C 161 -4.59 -0.15 -32.52
N VAL C 162 -5.04 -1.41 -32.48
CA VAL C 162 -5.33 -2.16 -33.69
C VAL C 162 -6.82 -2.47 -33.74
N GLY C 163 -7.28 -2.83 -34.94
CA GLY C 163 -8.62 -3.32 -35.11
C GLY C 163 -9.71 -2.30 -34.89
N ASN C 164 -10.60 -2.60 -33.94
CA ASN C 164 -11.78 -1.78 -33.74
C ASN C 164 -11.42 -0.37 -33.29
N ALA C 165 -10.31 -0.23 -32.56
CA ALA C 165 -9.82 1.07 -32.13
C ALA C 165 -8.71 1.60 -33.03
N LEU C 166 -8.64 1.13 -34.28
CA LEU C 166 -7.65 1.65 -35.21
C LEU C 166 -7.81 3.17 -35.36
N GLY C 167 -6.70 3.89 -35.27
CA GLY C 167 -6.74 5.33 -35.22
C GLY C 167 -6.32 5.88 -33.88
N MET C 168 -6.71 5.23 -32.79
CA MET C 168 -6.38 5.69 -31.44
C MET C 168 -5.01 5.20 -30.99
N LYS C 169 -4.39 6.00 -30.12
CA LYS C 169 -3.07 5.73 -29.58
C LYS C 169 -3.16 5.71 -28.05
N VAL C 170 -2.87 4.56 -27.45
CA VAL C 170 -2.81 4.48 -25.99
C VAL C 170 -1.48 5.04 -25.53
N GLY C 171 -1.52 5.81 -24.44
CA GLY C 171 -0.33 6.46 -23.97
C GLY C 171 0.66 5.49 -23.34
N GLY C 172 1.95 5.79 -23.53
CA GLY C 172 2.98 5.02 -22.85
C GLY C 172 2.83 5.05 -21.34
N PHE C 173 2.38 6.19 -20.78
CA PHE C 173 2.22 6.27 -19.34
C PHE C 173 1.05 5.40 -18.86
N TYR C 174 0.01 5.24 -19.69
CA TYR C 174 -1.01 4.24 -19.36
C TYR C 174 -0.37 2.87 -19.16
N LEU C 175 0.54 2.50 -20.07
CA LEU C 175 1.09 1.14 -20.05
C LEU C 175 2.09 0.97 -18.90
N ARG C 176 2.87 2.02 -18.61
CA ARG C 176 3.86 1.92 -17.54
C ARG C 176 3.19 1.85 -16.17
N THR C 177 2.09 2.60 -15.98
CA THR C 177 1.38 2.53 -14.71
C THR C 177 0.54 1.25 -14.61
N ALA C 178 0.00 0.78 -15.73
CA ALA C 178 -0.76 -0.47 -15.72
C ALA C 178 0.10 -1.64 -15.25
N GLN C 179 1.40 -1.63 -15.58
CA GLN C 179 2.26 -2.76 -15.23
C GLN C 179 2.44 -2.91 -13.72
N VAL C 180 2.34 -1.81 -12.97
CA VAL C 180 2.57 -1.82 -11.53
C VAL C 180 1.29 -1.50 -10.75
N LEU C 181 0.14 -1.60 -11.38
CA LEU C 181 -1.08 -1.15 -10.75
C LEU C 181 -1.49 -2.12 -9.65
N PRO C 182 -1.63 -1.67 -8.40
CA PRO C 182 -2.00 -2.63 -7.33
C PRO C 182 -3.50 -2.87 -7.26
N ILE C 183 -4.03 -3.55 -8.29
CA ILE C 183 -5.48 -3.69 -8.44
C ILE C 183 -6.10 -4.41 -7.25
N TYR C 184 -5.63 -5.61 -6.96
CA TYR C 184 -6.31 -6.41 -5.93
C TYR C 184 -5.99 -5.90 -4.53
N GLU C 185 -4.76 -5.44 -4.31
CA GLU C 185 -4.37 -4.90 -3.00
C GLU C 185 -5.26 -3.73 -2.57
N VAL C 186 -5.49 -2.77 -3.47
CA VAL C 186 -6.34 -1.64 -3.14
C VAL C 186 -7.81 -2.07 -3.07
N SER C 187 -8.24 -2.93 -4.00
CA SER C 187 -9.65 -3.31 -4.06
C SER C 187 -10.07 -4.09 -2.82
N GLN C 188 -9.16 -4.89 -2.27
CA GLN C 188 -9.39 -5.73 -1.08
C GLN C 188 -9.84 -4.96 0.13
N ARG C 189 -9.55 -3.66 0.20
CA ARG C 189 -9.91 -2.89 1.38
C ARG C 189 -11.41 -2.74 1.53
N PHE C 190 -12.16 -2.97 0.45
CA PHE C 190 -13.62 -2.89 0.48
C PHE C 190 -14.18 -4.18 1.05
N THR C 191 -14.80 -4.12 2.22
CA THR C 191 -15.36 -5.29 2.90
C THR C 191 -16.88 -5.30 2.85
N ARG C 192 -17.49 -4.28 2.26
CA ARG C 192 -18.93 -4.20 2.08
C ARG C 192 -19.34 -5.09 0.90
N PRO C 193 -20.64 -5.24 0.62
CA PRO C 193 -21.06 -6.26 -0.38
C PRO C 193 -20.66 -5.93 -1.82
N VAL C 194 -20.10 -6.93 -2.50
CA VAL C 194 -19.69 -6.84 -3.90
C VAL C 194 -20.39 -7.96 -4.65
N SER C 195 -20.88 -7.67 -5.86
CA SER C 195 -21.33 -8.72 -6.77
C SER C 195 -20.44 -8.68 -8.00
N VAL C 196 -19.91 -9.84 -8.39
CA VAL C 196 -19.04 -9.97 -9.55
C VAL C 196 -19.80 -10.78 -10.59
N ILE C 197 -19.97 -10.20 -11.78
CA ILE C 197 -20.73 -10.80 -12.87
C ILE C 197 -19.80 -11.00 -14.05
N ALA C 198 -19.73 -12.23 -14.56
CA ALA C 198 -18.89 -12.52 -15.71
C ALA C 198 -19.51 -13.63 -16.53
N GLY C 199 -19.15 -13.68 -17.81
CA GLY C 199 -19.67 -14.67 -18.73
C GLY C 199 -18.71 -15.83 -18.89
N THR C 200 -19.26 -17.05 -18.90
CA THR C 200 -18.42 -18.22 -19.06
C THR C 200 -17.73 -18.29 -20.42
N ASN C 201 -18.14 -17.45 -21.38
CA ASN C 201 -17.48 -17.40 -22.69
C ASN C 201 -16.75 -16.07 -22.91
N ASP C 202 -16.34 -15.42 -21.83
CA ASP C 202 -15.53 -14.21 -21.98
C ASP C 202 -14.15 -14.59 -22.52
N GLN C 203 -13.88 -14.15 -23.75
CA GLN C 203 -12.63 -14.42 -24.44
C GLN C 203 -11.69 -13.23 -24.40
N VAL C 204 -12.04 -12.18 -23.67
CA VAL C 204 -11.19 -11.01 -23.53
C VAL C 204 -10.47 -11.02 -22.17
N VAL C 205 -11.16 -11.45 -21.12
CA VAL C 205 -10.61 -11.50 -19.77
C VAL C 205 -10.80 -12.92 -19.25
N ASP C 206 -9.68 -13.55 -18.86
CA ASP C 206 -9.68 -14.91 -18.33
C ASP C 206 -10.54 -15.00 -17.07
N PRO C 207 -11.27 -16.10 -16.86
CA PRO C 207 -12.12 -16.20 -15.66
C PRO C 207 -11.38 -16.21 -14.32
N LYS C 208 -10.09 -16.53 -14.27
CA LYS C 208 -9.35 -16.45 -13.00
C LYS C 208 -9.43 -15.06 -12.36
N TYR C 209 -9.56 -14.01 -13.17
CA TYR C 209 -9.55 -12.65 -12.62
C TYR C 209 -10.83 -12.35 -11.84
N ALA C 210 -11.99 -12.64 -12.42
CA ALA C 210 -13.23 -12.50 -11.66
C ALA C 210 -13.24 -13.41 -10.44
N LYS C 211 -12.72 -14.63 -10.60
CA LYS C 211 -12.62 -15.55 -9.47
C LYS C 211 -11.74 -14.98 -8.37
N LYS C 212 -10.63 -14.33 -8.74
CA LYS C 212 -9.74 -13.79 -7.71
C LYS C 212 -10.38 -12.65 -6.95
N TYR C 213 -11.14 -11.79 -7.64
CA TYR C 213 -11.90 -10.77 -6.93
C TYR C 213 -12.77 -11.40 -5.87
N ASP C 214 -13.58 -12.39 -6.27
CA ASP C 214 -14.49 -13.04 -5.35
C ASP C 214 -13.71 -13.73 -4.23
N GLU C 215 -12.48 -14.16 -4.50
CA GLU C 215 -11.67 -14.77 -3.45
C GLU C 215 -11.24 -13.74 -2.40
N VAL C 216 -10.68 -12.61 -2.84
CA VAL C 216 -10.11 -11.64 -1.89
C VAL C 216 -11.18 -10.80 -1.20
N TYR C 217 -12.36 -10.64 -1.79
CA TYR C 217 -13.41 -9.84 -1.16
C TYR C 217 -13.99 -10.59 0.03
N GLU C 218 -14.07 -9.91 1.18
CA GLU C 218 -14.66 -10.56 2.35
C GLU C 218 -16.14 -10.87 2.14
N ASN C 219 -16.86 -10.03 1.39
CA ASN C 219 -18.32 -10.15 1.26
C ASN C 219 -18.69 -10.01 -0.22
N SER C 220 -18.68 -11.13 -0.95
CA SER C 220 -18.90 -11.07 -2.38
C SER C 220 -19.70 -12.28 -2.85
N GLU C 221 -20.35 -12.10 -4.00
CA GLU C 221 -21.00 -13.17 -4.75
C GLU C 221 -20.43 -13.18 -6.16
N LEU C 222 -20.29 -14.38 -6.72
CA LEU C 222 -19.84 -14.54 -8.08
C LEU C 222 -21.00 -15.07 -8.92
N HIS C 223 -21.32 -14.38 -10.00
CA HIS C 223 -22.41 -14.78 -10.91
C HIS C 223 -21.78 -15.04 -12.26
N MET C 224 -21.64 -16.32 -12.62
CA MET C 224 -21.16 -16.66 -13.96
C MET C 224 -22.38 -16.88 -14.84
N ILE C 225 -22.54 -16.02 -15.85
CA ILE C 225 -23.65 -16.13 -16.80
C ILE C 225 -23.24 -17.08 -17.90
N PRO C 226 -23.89 -18.23 -18.03
CA PRO C 226 -23.48 -19.24 -19.02
C PRO C 226 -23.48 -18.70 -20.43
N ASN C 227 -22.36 -18.89 -21.12
CA ASN C 227 -22.14 -18.54 -22.52
C ASN C 227 -22.15 -17.04 -22.79
N ALA C 228 -22.28 -16.20 -21.76
CA ALA C 228 -22.16 -14.76 -21.98
C ALA C 228 -20.74 -14.42 -22.41
N ASP C 229 -20.61 -13.43 -23.28
CA ASP C 229 -19.31 -12.96 -23.72
C ASP C 229 -18.88 -11.73 -22.90
N HIS C 230 -17.72 -11.17 -23.25
CA HIS C 230 -17.15 -10.08 -22.47
C HIS C 230 -18.04 -8.85 -22.50
N ARG C 231 -18.64 -8.58 -23.65
CA ARG C 231 -19.47 -7.40 -23.84
C ARG C 231 -20.88 -7.56 -23.29
N PHE C 232 -21.30 -8.78 -22.96
CA PHE C 232 -22.69 -9.09 -22.59
C PHE C 232 -23.63 -8.63 -23.71
N SER C 233 -23.40 -9.19 -24.90
CA SER C 233 -24.16 -8.83 -26.09
C SER C 233 -25.49 -9.58 -26.13
N GLY C 234 -26.35 -9.18 -27.06
CA GLY C 234 -27.59 -9.91 -27.30
C GLY C 234 -28.45 -10.01 -26.07
N GLY C 235 -28.93 -11.22 -25.80
CA GLY C 235 -29.75 -11.48 -24.63
C GLY C 235 -28.99 -11.48 -23.32
N TYR C 236 -27.66 -11.55 -23.36
CA TYR C 236 -26.87 -11.50 -22.14
C TYR C 236 -26.93 -10.12 -21.49
N LYS C 237 -27.18 -9.07 -22.29
CA LYS C 237 -27.24 -7.72 -21.76
C LYS C 237 -28.28 -7.60 -20.64
N ASP C 238 -29.51 -8.05 -20.90
CA ASP C 238 -30.55 -7.96 -19.87
C ASP C 238 -30.23 -8.87 -18.68
N MET C 239 -29.61 -10.02 -18.93
CA MET C 239 -29.22 -10.88 -17.81
C MET C 239 -28.23 -10.17 -16.89
N ALA C 240 -27.22 -9.52 -17.48
CA ALA C 240 -26.23 -8.80 -16.70
C ALA C 240 -26.86 -7.62 -15.98
N ALA C 241 -27.72 -6.88 -16.67
CA ALA C 241 -28.36 -5.72 -16.08
C ALA C 241 -29.34 -6.13 -14.98
N ASP C 242 -30.01 -7.27 -15.14
CA ASP C 242 -30.93 -7.75 -14.13
C ASP C 242 -30.19 -8.12 -12.85
N LEU C 243 -29.05 -8.81 -12.97
CA LEU C 243 -28.28 -9.16 -11.78
C LEU C 243 -27.75 -7.90 -11.10
N THR C 244 -27.35 -6.90 -11.88
CA THR C 244 -26.89 -5.63 -11.32
C THR C 244 -27.99 -4.97 -10.51
N ALA C 245 -29.17 -4.83 -11.11
CA ALA C 245 -30.28 -4.18 -10.42
C ALA C 245 -30.75 -5.01 -9.22
N GLN C 246 -30.73 -6.33 -9.35
CA GLN C 246 -31.11 -7.19 -8.23
C GLN C 246 -30.23 -6.93 -7.01
N PHE C 247 -28.90 -6.89 -7.23
CA PHE C 247 -27.96 -6.68 -6.14
C PHE C 247 -28.12 -5.31 -5.50
N LEU C 248 -28.50 -4.29 -6.29
CA LEU C 248 -28.55 -2.92 -5.79
C LEU C 248 -29.95 -2.50 -5.35
N LYS C 249 -30.95 -3.36 -5.51
CA LYS C 249 -32.32 -3.10 -5.08
C LYS C 249 -32.35 -2.65 -3.62
N PRO C 250 -32.85 -1.45 -3.31
CA PRO C 250 -32.82 -1.00 -1.91
C PRO C 250 -33.74 -1.81 -1.01
N ALA C 251 -33.37 -1.87 0.27
CA ALA C 251 -34.13 -2.57 1.31
C ALA C 251 -35.23 -1.68 1.83
N PHE C 252 -35.95 -1.06 0.91
CA PHE C 252 -37.20 -0.42 1.19
C PHE C 252 -38.13 -1.05 0.19
#